data_6XAR
#
_entry.id   6XAR
#
_cell.length_a   62.730
_cell.length_b   86.960
_cell.length_c   65.260
_cell.angle_alpha   90.000
_cell.angle_beta   112.310
_cell.angle_gamma   90.000
#
_symmetry.space_group_name_H-M   'P 1 21 1'
#
loop_
_entity.id
_entity.type
_entity.pdbx_description
1 polymer 'E3 ubiquitin-protein ligase CBL'
2 polymer 'Src-like-adapter 2'
3 non-polymer 'CALCIUM ION'
4 water water
#
loop_
_entity_poly.entity_id
_entity_poly.type
_entity_poly.pdbx_seq_one_letter_code
_entity_poly.pdbx_strand_id
1 'polypeptide(L)'
;GSLIGLMKDAFQPHHHHHHHLSPHPPGTVDKKMVEKCWKLMDKVVRLCQNPKLALKNSPPYILDLLPDTYQHLRTILSRY
EGKMETLGENEYFRVFMENLMKKTKQTISLFKEGKERMYEENSQPRRNLTKLSLIFSHMLAELKGIFPSGLFQGDTFRIT
KADAAEFWRKAFGEKTIVPWKSFRQALHEVHPISSGLEAMALKSTIDLTCNDYISVFEFDIFTRLFQPWSSLLRNWNSLA
VTHPGYMAFLTYDEVKARLQKFIHKPGSYIFRLSCTRLGQWAIGYVTADGNILQTIPHNKPLFQALIDGFREGFYLFPDG
RNQNPDLTGLCEPTP
;
A,B
2 'polypeptide(L)' LSEGLRESLSSYISLAEDP C,D
#
# COMPACT_ATOMS: atom_id res chain seq x y z
N PRO A 26 20.42 19.42 3.93
CA PRO A 26 21.40 18.60 4.65
C PRO A 26 22.74 19.30 4.84
N GLY A 27 23.44 18.96 5.92
CA GLY A 27 24.72 19.56 6.22
C GLY A 27 25.78 19.22 5.18
N THR A 28 26.85 20.02 5.15
CA THR A 28 27.94 19.80 4.22
C THR A 28 28.64 18.47 4.49
N VAL A 29 28.98 17.77 3.42
CA VAL A 29 29.57 16.43 3.52
C VAL A 29 31.07 16.49 3.81
N ASP A 30 31.47 15.92 4.93
CA ASP A 30 32.89 15.75 5.23
C ASP A 30 33.30 14.30 5.02
N LYS A 31 34.59 14.03 5.02
CA LYS A 31 35.08 12.66 4.87
C LYS A 31 34.68 11.80 6.05
N LYS A 32 34.43 12.44 7.19
CA LYS A 32 34.03 11.74 8.41
C LYS A 32 32.67 11.05 8.25
N MET A 33 31.69 11.76 7.73
CA MET A 33 30.35 11.21 7.54
C MET A 33 30.38 10.12 6.46
N VAL A 34 31.24 10.32 5.46
CA VAL A 34 31.42 9.34 4.41
C VAL A 34 31.92 8.03 5.01
N GLU A 35 32.85 8.14 5.96
CA GLU A 35 33.41 6.99 6.64
C GLU A 35 32.36 6.35 7.54
N LYS A 36 31.45 7.16 8.05
CA LYS A 36 30.35 6.65 8.87
C LYS A 36 29.38 5.84 8.02
N CYS A 37 29.09 6.34 6.82
CA CYS A 37 28.24 5.64 5.87
C CYS A 37 28.92 4.35 5.41
N TRP A 38 30.25 4.39 5.35
CA TRP A 38 31.03 3.21 4.99
C TRP A 38 30.86 2.13 6.05
N LYS A 39 30.89 2.52 7.32
CA LYS A 39 30.72 1.59 8.43
C LYS A 39 29.33 0.98 8.43
N LEU A 40 28.32 1.81 8.15
CA LEU A 40 26.94 1.35 8.12
C LEU A 40 26.72 0.39 6.95
N MET A 41 27.30 0.71 5.80
CA MET A 41 27.19 -0.15 4.63
C MET A 41 27.85 -1.51 4.90
N ASP A 42 28.99 -1.47 5.58
CA ASP A 42 29.69 -2.71 5.94
C ASP A 42 28.85 -3.55 6.89
N LYS A 43 28.13 -2.88 7.79
CA LYS A 43 27.27 -3.57 8.73
C LYS A 43 26.10 -4.23 8.01
N VAL A 44 25.51 -3.52 7.05
CA VAL A 44 24.41 -4.07 6.26
C VAL A 44 24.90 -5.27 5.46
N VAL A 45 26.11 -5.16 4.91
CA VAL A 45 26.71 -6.24 4.15
C VAL A 45 26.85 -7.48 5.03
N ARG A 46 27.34 -7.31 6.24
CA ARG A 46 27.48 -8.41 7.19
C ARG A 46 26.12 -9.03 7.52
N LEU A 47 25.11 -8.17 7.70
CA LEU A 47 23.76 -8.65 8.00
C LEU A 47 23.17 -9.44 6.85
N CYS A 48 23.62 -9.14 5.63
CA CYS A 48 23.12 -9.81 4.44
C CYS A 48 23.99 -11.03 4.09
N GLN A 49 25.14 -11.15 4.73
CA GLN A 49 26.04 -12.26 4.48
C GLN A 49 25.66 -13.49 5.30
N ASN A 50 24.54 -13.41 6.01
CA ASN A 50 24.05 -14.53 6.80
C ASN A 50 23.68 -15.69 5.88
N PRO A 51 24.17 -16.89 6.19
CA PRO A 51 23.97 -18.08 5.35
C PRO A 51 22.50 -18.51 5.23
N LYS A 52 21.70 -18.20 6.24
CA LYS A 52 20.31 -18.62 6.27
C LYS A 52 19.39 -17.71 5.45
N LEU A 53 19.98 -16.75 4.75
CA LEU A 53 19.21 -15.80 3.96
C LEU A 53 19.00 -16.28 2.52
N ALA A 54 19.95 -17.07 2.02
CA ALA A 54 19.92 -17.59 0.65
C ALA A 54 19.79 -16.47 -0.37
N LEU A 55 20.93 -15.89 -0.75
CA LEU A 55 20.95 -14.73 -1.63
C LEU A 55 20.79 -15.10 -3.10
N LYS A 56 19.68 -14.67 -3.69
CA LYS A 56 19.45 -14.84 -5.12
C LYS A 56 20.32 -13.85 -5.90
N ASN A 57 21.24 -14.38 -6.71
CA ASN A 57 22.21 -13.55 -7.42
C ASN A 57 21.56 -12.56 -8.39
N SER A 58 20.33 -12.85 -8.81
CA SER A 58 19.61 -11.98 -9.71
C SER A 58 19.32 -10.63 -9.05
N PRO A 59 19.44 -9.54 -9.83
CA PRO A 59 19.21 -8.17 -9.36
C PRO A 59 17.84 -7.99 -8.71
N PRO A 60 17.76 -7.15 -7.67
CA PRO A 60 18.88 -6.40 -7.10
C PRO A 60 19.68 -7.20 -6.09
N TYR A 61 21.01 -7.19 -6.23
CA TYR A 61 21.88 -7.94 -5.34
C TYR A 61 22.66 -6.97 -4.46
N ILE A 62 22.17 -6.77 -3.23
CA ILE A 62 22.71 -5.76 -2.33
C ILE A 62 24.17 -6.04 -1.95
N LEU A 63 24.56 -7.31 -2.00
CA LEU A 63 25.93 -7.69 -1.68
C LEU A 63 26.90 -7.26 -2.78
N ASP A 64 26.36 -6.86 -3.93
CA ASP A 64 27.16 -6.29 -5.00
C ASP A 64 26.93 -4.79 -5.09
N LEU A 65 25.74 -4.36 -4.67
CA LEU A 65 25.35 -2.95 -4.74
C LEU A 65 26.18 -2.08 -3.80
N LEU A 66 26.17 -2.41 -2.52
CA LEU A 66 26.88 -1.63 -1.52
C LEU A 66 28.40 -1.53 -1.75
N PRO A 67 29.06 -2.64 -2.11
CA PRO A 67 30.50 -2.47 -2.41
C PRO A 67 30.76 -1.57 -3.62
N ASP A 68 29.97 -1.70 -4.67
CA ASP A 68 30.13 -0.88 -5.86
C ASP A 68 29.90 0.60 -5.54
N THR A 69 28.93 0.85 -4.67
CA THR A 69 28.65 2.21 -4.20
C THR A 69 29.85 2.75 -3.43
N TYR A 70 30.43 1.90 -2.59
CA TYR A 70 31.59 2.25 -1.80
C TYR A 70 32.79 2.56 -2.69
N GLN A 71 32.99 1.75 -3.72
CA GLN A 71 34.11 1.92 -4.63
C GLN A 71 33.96 3.18 -5.48
N HIS A 72 32.74 3.45 -5.94
CA HIS A 72 32.47 4.64 -6.74
C HIS A 72 32.63 5.88 -5.88
N LEU A 73 32.27 5.75 -4.60
CA LEU A 73 32.41 6.86 -3.65
C LEU A 73 33.88 7.16 -3.42
N ARG A 74 34.70 6.11 -3.41
CA ARG A 74 36.15 6.27 -3.29
C ARG A 74 36.71 6.95 -4.53
N THR A 75 36.10 6.71 -5.68
CA THR A 75 36.53 7.33 -6.92
C THR A 75 36.23 8.82 -6.91
N ILE A 76 35.04 9.17 -6.41
CA ILE A 76 34.63 10.57 -6.31
C ILE A 76 35.54 11.31 -5.34
N LEU A 77 35.86 10.69 -4.22
CA LEU A 77 36.75 11.29 -3.24
C LEU A 77 38.17 11.42 -3.76
N SER A 78 38.59 10.44 -4.56
CA SER A 78 39.94 10.44 -5.12
C SER A 78 40.12 11.58 -6.11
N ARG A 79 39.10 11.84 -6.92
CA ARG A 79 39.16 12.91 -7.91
C ARG A 79 38.93 14.27 -7.28
N TYR A 80 38.25 14.30 -6.14
CA TYR A 80 38.00 15.55 -5.43
C TYR A 80 38.88 15.67 -4.20
N GLU A 81 39.95 14.89 -4.16
CA GLU A 81 40.92 14.97 -3.07
C GLU A 81 41.65 16.29 -3.13
N GLY A 82 41.78 16.95 -1.97
CA GLY A 82 42.37 18.27 -1.92
C GLY A 82 41.34 19.36 -2.05
N LYS A 83 40.54 19.29 -3.11
CA LYS A 83 39.45 20.21 -3.32
C LYS A 83 38.15 19.62 -2.81
N MET A 84 38.12 19.30 -1.52
CA MET A 84 36.93 18.72 -0.90
C MET A 84 35.88 19.79 -0.61
N GLU A 85 36.27 21.05 -0.74
CA GLU A 85 35.39 22.18 -0.47
C GLU A 85 34.22 22.22 -1.45
N THR A 86 34.51 21.97 -2.72
CA THR A 86 33.49 22.04 -3.76
C THR A 86 32.63 20.77 -3.79
N LEU A 87 33.19 19.66 -3.32
CA LEU A 87 32.46 18.40 -3.29
C LEU A 87 31.45 18.38 -2.14
N GLY A 88 31.85 18.97 -1.01
CA GLY A 88 30.99 19.02 0.16
C GLY A 88 29.88 20.05 0.07
N GLU A 89 29.97 20.93 -0.92
CA GLU A 89 28.99 22.00 -1.08
C GLU A 89 27.98 21.68 -2.18
N ASN A 90 28.20 20.59 -2.92
CA ASN A 90 27.28 20.18 -3.97
C ASN A 90 25.97 19.71 -3.37
N GLU A 91 24.86 20.28 -3.83
CA GLU A 91 23.55 19.99 -3.24
C GLU A 91 23.12 18.53 -3.45
N TYR A 92 23.43 17.98 -4.61
CA TYR A 92 23.05 16.61 -4.92
C TYR A 92 23.84 15.62 -4.09
N PHE A 93 25.12 15.92 -3.88
CA PHE A 93 25.99 15.03 -3.11
C PHE A 93 25.55 14.99 -1.65
N ARG A 94 25.11 16.13 -1.13
CA ARG A 94 24.60 16.20 0.24
C ARG A 94 23.29 15.42 0.37
N VAL A 95 22.39 15.62 -0.59
CA VAL A 95 21.11 14.93 -0.58
C VAL A 95 21.31 13.42 -0.73
N PHE A 96 22.25 13.04 -1.58
CA PHE A 96 22.54 11.62 -1.80
C PHE A 96 23.11 10.96 -0.55
N MET A 97 24.09 11.60 0.06
CA MET A 97 24.71 11.06 1.26
C MET A 97 23.72 10.96 2.42
N GLU A 98 22.85 11.97 2.54
CA GLU A 98 21.80 11.95 3.53
C GLU A 98 20.85 10.78 3.29
N ASN A 99 20.50 10.58 2.03
CA ASN A 99 19.60 9.50 1.64
C ASN A 99 20.25 8.14 1.90
N LEU A 100 21.52 8.02 1.56
CA LEU A 100 22.27 6.78 1.79
C LEU A 100 22.31 6.46 3.27
N MET A 101 22.50 7.49 4.09
CA MET A 101 22.47 7.35 5.54
C MET A 101 21.13 6.80 6.02
N LYS A 102 20.05 7.42 5.56
CA LYS A 102 18.70 7.00 5.94
C LYS A 102 18.40 5.58 5.53
N LYS A 103 18.76 5.22 4.30
CA LYS A 103 18.42 3.93 3.73
C LYS A 103 19.20 2.78 4.38
N THR A 104 20.49 3.00 4.64
CA THR A 104 21.30 1.99 5.31
C THR A 104 20.82 1.80 6.75
N LYS A 105 20.53 2.91 7.42
CA LYS A 105 20.05 2.87 8.80
C LYS A 105 18.69 2.19 8.86
N GLN A 106 17.87 2.42 7.85
CA GLN A 106 16.55 1.81 7.77
C GLN A 106 16.66 0.30 7.56
N THR A 107 17.67 -0.12 6.80
CA THR A 107 17.90 -1.53 6.54
C THR A 107 18.37 -2.24 7.82
N ILE A 108 19.22 -1.55 8.57
CA ILE A 108 19.70 -2.07 9.85
C ILE A 108 18.53 -2.22 10.80
N SER A 109 17.60 -1.26 10.76
CA SER A 109 16.39 -1.31 11.58
C SER A 109 15.48 -2.46 11.14
N LEU A 110 15.50 -2.75 9.85
CA LEU A 110 14.73 -3.87 9.30
C LEU A 110 15.18 -5.18 9.91
N PHE A 111 16.49 -5.36 10.01
CA PHE A 111 17.06 -6.56 10.61
C PHE A 111 16.86 -6.58 12.12
N LYS A 112 16.87 -5.40 12.73
CA LYS A 112 16.80 -5.28 14.18
C LYS A 112 15.41 -5.65 14.71
N GLU A 113 14.37 -5.07 14.12
CA GLU A 113 13.00 -5.33 14.59
C GLU A 113 12.34 -6.47 13.82
N GLY A 114 13.08 -7.07 12.89
CA GLY A 114 12.61 -8.23 12.16
C GLY A 114 13.49 -9.43 12.44
N LYS A 115 13.41 -9.95 13.67
CA LYS A 115 14.32 -10.99 14.13
C LYS A 115 14.24 -12.28 13.30
N GLU A 116 13.31 -13.16 13.67
CA GLU A 116 13.21 -14.47 13.05
C GLU A 116 12.61 -14.40 11.64
N ARG A 117 11.77 -13.40 11.41
CA ARG A 117 11.03 -13.29 10.15
C ARG A 117 11.94 -13.04 8.94
N MET A 118 13.17 -12.60 9.20
CA MET A 118 14.13 -12.36 8.13
C MET A 118 14.58 -13.64 7.45
N TYR A 119 14.36 -14.77 8.12
CA TYR A 119 14.83 -16.05 7.60
C TYR A 119 13.67 -16.87 7.02
N GLU A 120 12.84 -16.23 6.21
CA GLU A 120 11.69 -16.90 5.61
C GLU A 120 11.56 -16.58 4.13
N GLU A 121 10.39 -16.85 3.58
CA GLU A 121 10.12 -16.60 2.17
C GLU A 121 8.89 -15.70 2.02
N ASN A 122 9.04 -14.64 1.21
CA ASN A 122 7.98 -13.66 0.97
C ASN A 122 7.50 -13.03 2.27
N SER A 123 8.37 -13.01 3.28
CA SER A 123 8.04 -12.42 4.56
C SER A 123 8.00 -10.89 4.45
N GLN A 124 7.39 -10.24 5.43
CA GLN A 124 7.27 -8.78 5.41
C GLN A 124 8.64 -8.07 5.45
N PRO A 125 9.51 -8.41 6.43
CA PRO A 125 10.80 -7.73 6.39
C PRO A 125 11.69 -8.21 5.24
N ARG A 126 11.40 -9.39 4.72
CA ARG A 126 12.14 -9.94 3.59
C ARG A 126 11.80 -9.16 2.32
N ARG A 127 10.51 -8.98 2.08
CA ARG A 127 10.04 -8.21 0.93
C ARG A 127 10.48 -6.76 1.03
N ASN A 128 10.50 -6.24 2.25
CA ASN A 128 10.97 -4.89 2.50
C ASN A 128 12.46 -4.78 2.18
N LEU A 129 13.21 -5.83 2.50
CA LEU A 129 14.63 -5.87 2.20
C LEU A 129 14.88 -5.88 0.70
N THR A 130 14.02 -6.60 -0.02
CA THR A 130 14.11 -6.67 -1.48
C THR A 130 13.81 -5.30 -2.09
N LYS A 131 12.80 -4.63 -1.56
CA LYS A 131 12.43 -3.29 -2.03
C LYS A 131 13.54 -2.29 -1.76
N LEU A 132 14.13 -2.38 -0.58
CA LEU A 132 15.25 -1.50 -0.22
C LEU A 132 16.46 -1.78 -1.11
N SER A 133 16.63 -3.05 -1.48
CA SER A 133 17.70 -3.44 -2.37
C SER A 133 17.52 -2.76 -3.73
N LEU A 134 16.28 -2.71 -4.19
CA LEU A 134 15.94 -2.03 -5.43
C LEU A 134 16.28 -0.55 -5.34
N ILE A 135 16.04 0.02 -4.17
CA ILE A 135 16.34 1.43 -3.93
C ILE A 135 17.84 1.66 -4.02
N PHE A 136 18.61 0.78 -3.40
CA PHE A 136 20.07 0.85 -3.46
C PHE A 136 20.58 0.78 -4.89
N SER A 137 19.93 -0.06 -5.70
CA SER A 137 20.29 -0.18 -7.11
C SER A 137 20.02 1.12 -7.86
N HIS A 138 18.86 1.72 -7.57
CA HIS A 138 18.50 2.98 -8.19
C HIS A 138 19.47 4.09 -7.80
N MET A 139 19.85 4.12 -6.52
CA MET A 139 20.76 5.15 -6.03
C MET A 139 22.16 4.98 -6.61
N LEU A 140 22.57 3.74 -6.84
CA LEU A 140 23.87 3.47 -7.44
C LEU A 140 23.89 3.91 -8.90
N ALA A 141 22.79 3.66 -9.61
CA ALA A 141 22.67 4.07 -11.00
C ALA A 141 22.66 5.59 -11.12
N GLU A 142 21.95 6.25 -10.21
CA GLU A 142 21.87 7.70 -10.20
C GLU A 142 23.21 8.33 -9.86
N LEU A 143 23.95 7.67 -8.95
CA LEU A 143 25.25 8.16 -8.54
C LEU A 143 26.26 8.05 -9.68
N LYS A 144 26.23 6.92 -10.38
CA LYS A 144 27.11 6.72 -11.51
C LYS A 144 26.71 7.62 -12.68
N GLY A 145 25.46 8.05 -12.68
CA GLY A 145 24.94 8.90 -13.73
C GLY A 145 25.30 10.37 -13.59
N ILE A 146 25.22 10.88 -12.35
CA ILE A 146 25.51 12.28 -12.09
C ILE A 146 27.00 12.45 -11.79
N PHE A 147 27.65 11.37 -11.36
CA PHE A 147 29.09 11.38 -11.17
C PHE A 147 29.78 10.32 -12.05
N PRO A 148 29.78 10.53 -13.37
CA PRO A 148 30.46 9.55 -14.23
C PRO A 148 31.98 9.58 -14.05
N SER A 149 32.57 8.41 -13.85
CA SER A 149 34.01 8.28 -13.64
C SER A 149 34.49 9.04 -12.39
N GLY A 150 33.56 9.34 -11.49
CA GLY A 150 33.91 10.00 -10.24
C GLY A 150 33.91 11.52 -10.30
N LEU A 151 33.60 12.07 -11.47
CA LEU A 151 33.58 13.51 -11.66
C LEU A 151 32.16 14.01 -11.88
N PHE A 152 31.81 15.13 -11.24
CA PHE A 152 30.45 15.63 -11.27
C PHE A 152 30.00 16.08 -12.66
N GLN A 153 28.84 15.59 -13.08
CA GLN A 153 28.26 15.95 -14.37
C GLN A 153 26.74 16.06 -14.22
N GLY A 154 26.30 17.05 -13.45
CA GLY A 154 24.88 17.26 -13.20
C GLY A 154 24.43 18.65 -13.65
N ASP A 155 25.27 19.64 -13.42
CA ASP A 155 25.02 21.00 -13.89
C ASP A 155 25.30 21.09 -15.38
N THR A 156 25.70 19.98 -15.96
CA THR A 156 25.99 19.89 -17.39
C THR A 156 25.04 18.89 -18.03
N PHE A 157 23.76 19.00 -17.72
CA PHE A 157 22.78 18.01 -18.14
C PHE A 157 22.48 18.07 -19.64
N ARG A 158 22.20 16.90 -20.20
CA ARG A 158 21.69 16.80 -21.57
C ARG A 158 20.62 15.72 -21.62
N ILE A 159 19.45 16.05 -21.06
CA ILE A 159 18.30 15.14 -21.03
C ILE A 159 17.98 14.67 -22.44
N THR A 160 17.70 13.37 -22.56
CA THR A 160 17.45 12.73 -23.85
C THR A 160 16.32 13.40 -24.62
N LYS A 161 15.20 13.64 -23.95
CA LYS A 161 14.05 14.30 -24.57
C LYS A 161 14.22 15.81 -24.53
N ALA A 162 14.15 16.45 -25.69
CA ALA A 162 14.37 17.88 -25.82
C ALA A 162 13.27 18.69 -25.12
N ASP A 163 12.02 18.28 -25.30
CA ASP A 163 10.89 18.98 -24.71
C ASP A 163 10.94 18.96 -23.18
N ALA A 164 11.28 17.79 -22.63
CA ALA A 164 11.39 17.63 -21.19
C ALA A 164 12.56 18.47 -20.64
N ALA A 165 13.63 18.53 -21.42
CA ALA A 165 14.80 19.32 -21.04
C ALA A 165 14.47 20.80 -21.04
N GLU A 166 13.64 21.23 -21.99
CA GLU A 166 13.22 22.61 -22.07
C GLU A 166 12.35 22.98 -20.87
N PHE A 167 11.49 22.04 -20.46
CA PHE A 167 10.65 22.22 -19.29
C PHE A 167 11.50 22.39 -18.03
N TRP A 168 12.47 21.51 -17.87
CA TRP A 168 13.36 21.54 -16.72
C TRP A 168 14.18 22.83 -16.71
N ARG A 169 14.57 23.27 -17.90
CA ARG A 169 15.37 24.49 -18.05
C ARG A 169 14.56 25.72 -17.66
N LYS A 170 13.28 25.72 -18.01
CA LYS A 170 12.41 26.84 -17.68
C LYS A 170 12.07 26.85 -16.20
N ALA A 171 11.81 25.67 -15.65
CA ALA A 171 11.31 25.55 -14.28
C ALA A 171 12.41 25.70 -13.24
N PHE A 172 13.47 24.90 -13.37
CA PHE A 172 14.49 24.85 -12.33
C PHE A 172 15.85 25.33 -12.81
N GLY A 173 15.93 25.71 -14.08
CA GLY A 173 17.17 26.20 -14.65
C GLY A 173 18.22 25.13 -14.85
N GLU A 174 19.34 25.25 -14.15
CA GLU A 174 20.45 24.32 -14.30
C GLU A 174 20.71 23.57 -13.00
N LYS A 175 19.69 23.49 -12.15
CA LYS A 175 19.80 22.74 -10.91
C LYS A 175 19.75 21.25 -11.17
N THR A 176 20.59 20.50 -10.48
CA THR A 176 20.69 19.06 -10.68
C THR A 176 19.53 18.32 -10.00
N ILE A 177 19.16 18.77 -8.80
CA ILE A 177 18.10 18.12 -8.05
C ILE A 177 17.15 19.17 -7.46
N VAL A 178 15.88 18.81 -7.32
CA VAL A 178 14.87 19.71 -6.78
C VAL A 178 13.95 18.96 -5.82
N PRO A 179 13.46 19.65 -4.78
CA PRO A 179 12.49 19.03 -3.86
C PRO A 179 11.21 18.63 -4.57
N TRP A 180 10.56 17.58 -4.09
CA TRP A 180 9.39 17.00 -4.75
C TRP A 180 8.24 17.99 -4.90
N LYS A 181 8.02 18.81 -3.87
CA LYS A 181 6.93 19.79 -3.88
C LYS A 181 7.07 20.75 -5.06
N SER A 182 8.28 21.27 -5.25
CA SER A 182 8.56 22.21 -6.32
C SER A 182 8.36 21.56 -7.69
N PHE A 183 8.77 20.31 -7.80
CA PHE A 183 8.62 19.57 -9.06
C PHE A 183 7.14 19.34 -9.35
N ARG A 184 6.37 19.04 -8.32
CA ARG A 184 4.94 18.83 -8.46
C ARG A 184 4.25 20.12 -8.92
N GLN A 185 4.73 21.25 -8.40
CA GLN A 185 4.20 22.55 -8.78
C GLN A 185 4.45 22.85 -10.25
N ALA A 186 5.72 22.75 -10.66
CA ALA A 186 6.11 23.05 -12.03
C ALA A 186 5.44 22.11 -13.03
N LEU A 187 5.35 20.84 -12.67
CA LEU A 187 4.73 19.84 -13.54
C LEU A 187 3.23 20.13 -13.68
N HIS A 188 2.59 20.50 -12.57
CA HIS A 188 1.17 20.81 -12.59
C HIS A 188 0.89 22.07 -13.42
N GLU A 189 1.87 22.96 -13.46
CA GLU A 189 1.76 24.17 -14.28
C GLU A 189 1.70 23.80 -15.76
N VAL A 190 2.47 22.78 -16.15
CA VAL A 190 2.52 22.35 -17.53
C VAL A 190 1.53 21.21 -17.77
N HIS A 191 1.65 20.15 -16.97
CA HIS A 191 0.74 19.01 -17.06
C HIS A 191 -0.13 18.91 -15.81
N PRO A 192 -1.42 19.27 -15.94
CA PRO A 192 -2.35 19.31 -14.81
C PRO A 192 -2.53 17.95 -14.12
N ILE A 193 -2.41 17.95 -12.80
CA ILE A 193 -2.63 16.74 -12.01
C ILE A 193 -4.01 16.78 -11.40
N SER A 194 -4.82 15.77 -11.68
CA SER A 194 -6.22 15.74 -11.27
C SER A 194 -6.38 15.70 -9.76
N SER A 195 -5.77 14.71 -9.12
CA SER A 195 -5.91 14.52 -7.69
C SER A 195 -4.57 14.40 -6.96
N GLY A 196 -4.62 14.46 -5.64
CA GLY A 196 -3.44 14.24 -4.83
C GLY A 196 -3.03 12.78 -4.85
N LEU A 197 -4.00 11.91 -5.09
CA LEU A 197 -3.75 10.48 -5.25
C LEU A 197 -2.89 10.25 -6.49
N GLU A 198 -3.24 10.94 -7.56
CA GLU A 198 -2.49 10.86 -8.82
C GLU A 198 -1.06 11.35 -8.61
N ALA A 199 -0.92 12.37 -7.78
CA ALA A 199 0.40 12.94 -7.48
C ALA A 199 1.22 11.97 -6.64
N MET A 200 0.54 11.20 -5.78
CA MET A 200 1.21 10.22 -4.93
C MET A 200 1.69 9.04 -5.76
N ALA A 201 0.82 8.53 -6.62
CA ALA A 201 1.17 7.43 -7.51
C ALA A 201 2.28 7.84 -8.46
N LEU A 202 2.22 9.09 -8.91
CA LEU A 202 3.25 9.65 -9.77
C LEU A 202 4.56 9.74 -9.01
N LYS A 203 4.48 10.13 -7.75
CA LYS A 203 5.65 10.24 -6.88
C LYS A 203 6.30 8.88 -6.68
N SER A 204 5.47 7.85 -6.52
CA SER A 204 5.99 6.50 -6.32
C SER A 204 6.65 5.97 -7.59
N THR A 205 6.33 6.60 -8.73
CA THR A 205 6.85 6.17 -10.01
C THR A 205 8.16 6.87 -10.38
N ILE A 206 8.24 8.17 -10.10
CA ILE A 206 9.38 8.96 -10.55
C ILE A 206 10.46 9.09 -9.47
N ASP A 207 10.06 9.08 -8.20
CA ASP A 207 11.02 9.19 -7.11
C ASP A 207 11.65 7.83 -6.81
N LEU A 208 12.62 7.44 -7.63
CA LEU A 208 13.22 6.12 -7.56
C LEU A 208 14.07 5.95 -6.30
N THR A 209 14.81 6.98 -5.92
CA THR A 209 15.68 6.91 -4.76
C THR A 209 14.89 7.02 -3.46
N CYS A 210 13.61 7.37 -3.58
CA CYS A 210 12.69 7.45 -2.45
C CYS A 210 13.22 8.38 -1.35
N ASN A 211 13.59 9.60 -1.74
CA ASN A 211 14.18 10.55 -0.82
C ASN A 211 13.45 11.90 -0.84
N ASP A 212 12.22 11.88 -1.34
CA ASP A 212 11.38 13.08 -1.44
C ASP A 212 12.03 14.15 -2.31
N TYR A 213 12.94 13.73 -3.19
CA TYR A 213 13.59 14.62 -4.12
C TYR A 213 13.50 14.08 -5.55
N ILE A 214 13.64 14.97 -6.53
CA ILE A 214 13.64 14.57 -7.93
C ILE A 214 14.88 15.11 -8.62
N SER A 215 15.70 14.21 -9.15
CA SER A 215 16.92 14.61 -9.84
C SER A 215 16.71 14.64 -11.35
N VAL A 216 17.66 15.24 -12.05
CA VAL A 216 17.63 15.31 -13.50
C VAL A 216 17.73 13.89 -14.08
N PHE A 217 18.39 13.01 -13.33
CA PHE A 217 18.55 11.63 -13.72
C PHE A 217 17.20 10.90 -13.73
N GLU A 218 16.48 11.00 -12.63
CA GLU A 218 15.16 10.38 -12.50
C GLU A 218 14.17 10.98 -13.48
N PHE A 219 14.29 12.29 -13.71
CA PHE A 219 13.41 12.99 -14.63
C PHE A 219 13.64 12.50 -16.06
N ASP A 220 14.90 12.28 -16.41
CA ASP A 220 15.25 11.75 -17.72
C ASP A 220 14.66 10.35 -17.92
N ILE A 221 14.75 9.54 -16.87
CA ILE A 221 14.24 8.17 -16.92
C ILE A 221 12.74 8.15 -17.14
N PHE A 222 12.01 8.96 -16.38
CA PHE A 222 10.55 8.99 -16.44
C PHE A 222 10.07 9.52 -17.79
N THR A 223 10.67 10.60 -18.27
CA THR A 223 10.24 11.23 -19.51
C THR A 223 10.61 10.38 -20.73
N ARG A 224 11.66 9.56 -20.60
CA ARG A 224 11.99 8.60 -21.64
C ARG A 224 10.99 7.45 -21.62
N LEU A 225 10.51 7.13 -20.42
CA LEU A 225 9.62 6.00 -20.21
C LEU A 225 8.21 6.26 -20.78
N PHE A 226 7.71 7.47 -20.57
CA PHE A 226 6.35 7.80 -20.98
C PHE A 226 6.34 8.93 -22.03
N GLN A 227 7.16 8.77 -23.05
CA GLN A 227 7.21 9.72 -24.16
C GLN A 227 5.97 9.53 -25.03
N PRO A 228 5.57 10.58 -25.78
CA PRO A 228 6.19 11.91 -25.87
C PRO A 228 5.82 12.82 -24.70
N TRP A 229 6.54 13.94 -24.58
CA TRP A 229 6.35 14.87 -23.46
C TRP A 229 5.02 15.61 -23.54
N SER A 230 4.55 15.88 -24.75
CA SER A 230 3.34 16.69 -24.95
C SER A 230 2.12 16.09 -24.26
N SER A 231 2.11 14.77 -24.09
CA SER A 231 1.02 14.10 -23.39
C SER A 231 1.56 13.16 -22.31
N LEU A 232 2.53 13.65 -21.54
CA LEU A 232 3.24 12.84 -20.55
C LEU A 232 2.32 12.11 -19.57
N LEU A 233 1.60 12.88 -18.76
CA LEU A 233 0.71 12.31 -17.76
C LEU A 233 -0.42 11.49 -18.40
N ARG A 234 -0.71 11.79 -19.67
CA ARG A 234 -1.72 11.06 -20.40
C ARG A 234 -1.23 9.65 -20.71
N ASN A 235 0.03 9.56 -21.15
CA ASN A 235 0.65 8.27 -21.43
C ASN A 235 0.79 7.46 -20.15
N TRP A 236 1.19 8.15 -19.08
CA TRP A 236 1.38 7.51 -17.78
C TRP A 236 0.08 6.95 -17.23
N ASN A 237 -1.04 7.60 -17.54
CA ASN A 237 -2.34 7.12 -17.09
C ASN A 237 -2.80 5.93 -17.91
N SER A 238 -2.33 5.85 -19.16
CA SER A 238 -2.78 4.82 -20.08
C SER A 238 -1.82 3.64 -20.17
N LEU A 239 -0.58 3.86 -19.76
CA LEU A 239 0.44 2.80 -19.83
C LEU A 239 0.74 2.22 -18.45
N ALA A 240 0.63 3.04 -17.41
CA ALA A 240 0.98 2.61 -16.07
C ALA A 240 -0.24 2.48 -15.16
N VAL A 241 -1.04 3.53 -15.07
CA VAL A 241 -2.12 3.59 -14.10
C VAL A 241 -3.25 2.62 -14.41
N THR A 242 -3.71 2.60 -15.67
CA THR A 242 -4.90 1.83 -16.02
C THR A 242 -4.62 0.59 -16.85
N HIS A 243 -3.41 0.47 -17.37
CA HIS A 243 -3.07 -0.65 -18.23
C HIS A 243 -2.66 -1.87 -17.41
N PRO A 244 -3.46 -2.94 -17.48
CA PRO A 244 -3.25 -4.16 -16.68
C PRO A 244 -1.98 -4.93 -17.05
N GLY A 245 -1.27 -4.47 -18.07
CA GLY A 245 -0.02 -5.09 -18.48
C GLY A 245 1.18 -4.56 -17.73
N TYR A 246 1.01 -3.38 -17.12
CA TYR A 246 2.09 -2.74 -16.36
C TYR A 246 2.42 -3.53 -15.10
N MET A 247 3.71 -3.76 -14.88
CA MET A 247 4.15 -4.57 -13.75
C MET A 247 5.25 -3.88 -12.95
N ALA A 248 5.46 -2.59 -13.22
CA ALA A 248 6.51 -1.81 -12.59
C ALA A 248 7.87 -2.50 -12.75
N PHE A 249 8.67 -2.48 -11.69
CA PHE A 249 9.96 -3.16 -11.70
C PHE A 249 9.81 -4.63 -11.36
N LEU A 250 10.27 -5.50 -12.26
CA LEU A 250 10.23 -6.94 -12.03
C LEU A 250 11.49 -7.63 -12.53
N THR A 251 11.75 -8.82 -12.01
CA THR A 251 12.86 -9.64 -12.47
C THR A 251 12.38 -10.51 -13.63
N TYR A 252 13.31 -10.88 -14.51
CA TYR A 252 13.00 -11.73 -15.66
C TYR A 252 12.40 -13.06 -15.22
N ASP A 253 12.85 -13.56 -14.08
CA ASP A 253 12.35 -14.82 -13.54
C ASP A 253 10.91 -14.66 -13.04
N GLU A 254 10.60 -13.50 -12.45
CA GLU A 254 9.26 -13.21 -11.97
C GLU A 254 8.29 -13.07 -13.15
N VAL A 255 8.78 -12.50 -14.25
CA VAL A 255 8.01 -12.38 -15.47
C VAL A 255 7.71 -13.77 -16.02
N LYS A 256 8.72 -14.62 -16.01
CA LYS A 256 8.58 -16.00 -16.47
C LYS A 256 7.56 -16.75 -15.63
N ALA A 257 7.67 -16.60 -14.31
CA ALA A 257 6.79 -17.31 -13.38
C ALA A 257 5.36 -16.81 -13.45
N ARG A 258 5.18 -15.55 -13.83
CA ARG A 258 3.85 -14.96 -13.93
C ARG A 258 3.18 -15.31 -15.25
N LEU A 259 3.95 -15.29 -16.34
CA LEU A 259 3.44 -15.63 -17.66
C LEU A 259 3.30 -17.15 -17.82
N GLN A 260 3.81 -17.89 -16.83
CA GLN A 260 3.74 -19.35 -16.86
C GLN A 260 2.30 -19.84 -16.77
N LYS A 261 1.44 -19.05 -16.14
CA LYS A 261 0.04 -19.41 -15.98
C LYS A 261 -0.74 -19.23 -17.29
N PHE A 262 -0.07 -18.68 -18.29
CA PHE A 262 -0.70 -18.48 -19.60
C PHE A 262 0.23 -18.95 -20.72
N ILE A 263 0.96 -20.03 -20.45
CA ILE A 263 1.88 -20.60 -21.42
C ILE A 263 1.11 -21.34 -22.52
N HIS A 264 -0.20 -21.46 -22.31
CA HIS A 264 -1.08 -22.13 -23.26
C HIS A 264 -2.00 -21.13 -23.95
N LYS A 265 -1.80 -19.86 -23.66
CA LYS A 265 -2.63 -18.79 -24.22
C LYS A 265 -1.76 -17.76 -24.94
N PRO A 266 -1.40 -18.05 -26.19
CA PRO A 266 -0.54 -17.18 -27.00
C PRO A 266 -1.08 -15.76 -27.14
N GLY A 267 -0.18 -14.78 -27.07
CA GLY A 267 -0.58 -13.38 -27.18
C GLY A 267 -0.65 -12.67 -25.86
N SER A 268 -0.72 -13.44 -24.77
CA SER A 268 -0.77 -12.86 -23.43
C SER A 268 0.57 -12.22 -23.10
N TYR A 269 0.53 -10.99 -22.60
CA TYR A 269 1.75 -10.22 -22.41
C TYR A 269 1.71 -9.30 -21.19
N ILE A 270 2.90 -8.95 -20.70
CA ILE A 270 3.07 -7.96 -19.65
C ILE A 270 4.38 -7.21 -19.91
N PHE A 271 4.43 -5.94 -19.53
CA PHE A 271 5.65 -5.16 -19.68
C PHE A 271 6.13 -4.63 -18.33
N ARG A 272 7.45 -4.52 -18.19
CA ARG A 272 8.04 -4.17 -16.91
C ARG A 272 9.17 -3.16 -17.04
N LEU A 273 9.71 -2.74 -15.90
CA LEU A 273 10.90 -1.90 -15.86
C LEU A 273 12.07 -2.72 -15.32
N SER A 274 13.26 -2.50 -15.88
CA SER A 274 14.44 -3.25 -15.47
C SER A 274 15.39 -2.37 -14.67
N CYS A 275 15.80 -2.85 -13.50
CA CYS A 275 16.72 -2.10 -12.64
C CYS A 275 18.14 -2.11 -13.19
N THR A 276 18.35 -2.90 -14.24
CA THR A 276 19.63 -2.95 -14.92
C THR A 276 19.58 -2.16 -16.22
N ARG A 277 18.37 -1.75 -16.61
CA ARG A 277 18.19 -0.95 -17.82
C ARG A 277 17.15 0.13 -17.58
N LEU A 278 17.52 1.16 -16.83
CA LEU A 278 16.62 2.26 -16.51
C LEU A 278 16.30 3.11 -17.74
N GLY A 279 15.02 3.41 -17.94
CA GLY A 279 14.59 4.25 -19.05
C GLY A 279 14.01 3.49 -20.22
N GLN A 280 14.09 2.16 -20.17
CA GLN A 280 13.59 1.34 -21.25
C GLN A 280 12.56 0.32 -20.76
N TRP A 281 11.61 -0.01 -21.63
CA TRP A 281 10.58 -0.98 -21.29
C TRP A 281 10.99 -2.40 -21.68
N ALA A 282 10.38 -3.39 -21.04
CA ALA A 282 10.68 -4.79 -21.31
C ALA A 282 9.39 -5.60 -21.44
N ILE A 283 8.97 -5.85 -22.67
CA ILE A 283 7.71 -6.55 -22.92
C ILE A 283 7.93 -8.05 -22.98
N GLY A 284 7.24 -8.78 -22.11
CA GLY A 284 7.28 -10.23 -22.12
C GLY A 284 5.99 -10.83 -22.66
N TYR A 285 6.11 -11.74 -23.63
CA TYR A 285 4.95 -12.32 -24.27
C TYR A 285 5.16 -13.80 -24.59
N VAL A 286 4.08 -14.58 -24.55
CA VAL A 286 4.16 -15.99 -24.88
C VAL A 286 3.81 -16.20 -26.36
N THR A 287 4.36 -17.27 -26.94
CA THR A 287 4.16 -17.55 -28.36
C THR A 287 3.15 -18.67 -28.58
N ALA A 288 3.07 -19.16 -29.81
CA ALA A 288 2.11 -20.19 -30.18
C ALA A 288 2.69 -21.59 -30.00
N ASP A 289 3.98 -21.65 -29.67
CA ASP A 289 4.66 -22.93 -29.44
C ASP A 289 4.28 -23.66 -28.13
N GLY A 290 4.28 -22.99 -26.97
CA GLY A 290 4.58 -21.58 -26.79
C GLY A 290 5.75 -21.29 -25.86
N ASN A 291 6.64 -20.41 -26.30
CA ASN A 291 7.76 -19.97 -25.49
C ASN A 291 7.54 -18.54 -25.01
N ILE A 292 8.23 -18.16 -23.94
CA ILE A 292 8.16 -16.79 -23.45
C ILE A 292 9.34 -15.98 -23.97
N LEU A 293 9.04 -14.91 -24.69
CA LEU A 293 10.08 -14.06 -25.26
C LEU A 293 9.98 -12.63 -24.73
N GLN A 294 11.06 -11.87 -24.91
CA GLN A 294 11.11 -10.50 -24.43
C GLN A 294 11.51 -9.53 -25.55
N THR A 295 10.91 -8.34 -25.53
CA THR A 295 11.20 -7.33 -26.53
C THR A 295 11.47 -5.97 -25.87
N ILE A 296 12.52 -5.29 -26.35
CA ILE A 296 12.88 -3.98 -25.82
C ILE A 296 12.86 -2.94 -26.94
N PRO A 297 11.83 -2.09 -26.96
CA PRO A 297 11.69 -1.02 -27.96
C PRO A 297 12.85 -0.02 -27.91
N HIS A 298 13.33 0.40 -29.08
CA HIS A 298 14.44 1.35 -29.15
C HIS A 298 13.93 2.75 -29.48
N ASN A 299 13.79 3.57 -28.45
CA ASN A 299 13.29 4.95 -28.58
C ASN A 299 11.95 5.01 -29.32
N LYS A 300 11.07 4.07 -29.03
CA LYS A 300 9.69 4.13 -29.49
C LYS A 300 8.80 4.43 -28.29
N PRO A 301 7.74 5.21 -28.51
CA PRO A 301 6.71 5.32 -27.47
C PRO A 301 6.14 3.93 -27.18
N LEU A 302 5.89 3.62 -25.90
CA LEU A 302 5.46 2.28 -25.53
C LEU A 302 4.14 1.90 -26.19
N PHE A 303 3.22 2.85 -26.28
CA PHE A 303 1.91 2.57 -26.86
C PHE A 303 2.02 2.24 -28.34
N GLN A 304 3.03 2.80 -29.01
CA GLN A 304 3.27 2.49 -30.42
C GLN A 304 3.62 1.01 -30.60
N ALA A 305 4.54 0.53 -29.78
CA ALA A 305 4.98 -0.86 -29.85
C ALA A 305 3.86 -1.81 -29.43
N LEU A 306 3.01 -1.36 -28.51
CA LEU A 306 1.90 -2.17 -28.04
C LEU A 306 0.80 -2.27 -29.09
N ILE A 307 0.55 -1.18 -29.80
CA ILE A 307 -0.44 -1.16 -30.87
C ILE A 307 0.03 -2.02 -32.03
N ASP A 308 1.28 -1.81 -32.45
CA ASP A 308 1.87 -2.58 -33.54
C ASP A 308 1.89 -4.07 -33.20
N GLY A 309 2.23 -4.40 -31.96
CA GLY A 309 2.28 -5.78 -31.53
C GLY A 309 0.92 -6.43 -31.45
N PHE A 310 -0.10 -5.64 -31.12
CA PHE A 310 -1.47 -6.15 -31.05
C PHE A 310 -2.03 -6.42 -32.43
N ARG A 311 -1.70 -5.54 -33.38
CA ARG A 311 -2.20 -5.66 -34.74
C ARG A 311 -1.53 -6.82 -35.49
N GLU A 312 -0.48 -7.38 -34.89
CA GLU A 312 0.24 -8.48 -35.52
C GLU A 312 0.05 -9.78 -34.73
N GLY A 313 -0.78 -9.71 -33.69
CA GLY A 313 -1.14 -10.89 -32.93
C GLY A 313 -0.12 -11.34 -31.89
N PHE A 314 0.71 -10.41 -31.45
CA PHE A 314 1.73 -10.74 -30.44
C PHE A 314 1.31 -10.29 -29.05
N TYR A 315 0.77 -9.07 -28.95
CA TYR A 315 0.34 -8.52 -27.67
C TYR A 315 -1.18 -8.45 -27.64
N LEU A 316 -1.81 -9.55 -27.24
CA LEU A 316 -3.26 -9.66 -27.30
C LEU A 316 -3.93 -9.60 -25.93
N PHE A 317 -3.30 -10.21 -24.94
CA PHE A 317 -3.91 -10.34 -23.62
C PHE A 317 -3.06 -9.76 -22.50
N PRO A 318 -3.39 -8.55 -22.04
CA PRO A 318 -2.66 -7.91 -20.94
C PRO A 318 -2.83 -8.65 -19.63
N ASP A 319 -1.74 -9.27 -19.16
CA ASP A 319 -1.73 -10.05 -17.93
C ASP A 319 -2.72 -11.22 -18.00
N GLY A 320 -2.97 -11.71 -19.20
CA GLY A 320 -3.86 -12.83 -19.40
C GLY A 320 -5.31 -12.45 -19.59
N ARG A 321 -5.63 -11.18 -19.35
CA ARG A 321 -7.00 -10.70 -19.50
C ARG A 321 -7.40 -10.66 -20.97
N ASN A 322 -8.65 -11.02 -21.25
CA ASN A 322 -9.14 -11.13 -22.62
C ASN A 322 -9.16 -9.79 -23.35
N GLN A 323 -9.57 -8.74 -22.64
CA GLN A 323 -9.72 -7.42 -23.24
C GLN A 323 -8.41 -6.62 -23.17
N ASN A 324 -7.90 -6.23 -24.33
CA ASN A 324 -6.70 -5.39 -24.42
C ASN A 324 -7.08 -3.92 -24.59
N PRO A 325 -6.47 -3.04 -23.79
CA PRO A 325 -6.75 -1.60 -23.83
C PRO A 325 -6.51 -0.98 -25.21
N ASP A 326 -7.49 -0.26 -25.78
CA ASP A 326 -7.25 0.42 -27.06
C ASP A 326 -6.43 1.68 -26.87
N LEU A 327 -5.14 1.62 -27.21
CA LEU A 327 -4.23 2.73 -26.96
C LEU A 327 -4.00 3.58 -28.21
N THR A 328 -4.93 3.50 -29.16
CA THR A 328 -4.79 4.22 -30.43
C THR A 328 -4.94 5.74 -30.30
N GLY A 329 -4.57 6.29 -29.14
CA GLY A 329 -4.53 7.72 -28.95
C GLY A 329 -3.12 8.25 -29.18
N LEU A 330 -2.66 8.11 -30.41
CA LEU A 330 -1.32 8.54 -30.79
C LEU A 330 -1.19 10.06 -30.72
N ASP B 30 -34.51 -11.17 -6.11
CA ASP B 30 -34.13 -12.34 -6.89
C ASP B 30 -33.83 -13.52 -5.96
N LYS B 31 -33.91 -14.73 -6.51
CA LYS B 31 -33.68 -15.94 -5.73
C LYS B 31 -32.59 -16.82 -6.34
N LYS B 32 -32.47 -16.76 -7.67
CA LYS B 32 -31.46 -17.54 -8.38
C LYS B 32 -30.06 -17.01 -8.09
N MET B 33 -29.94 -15.70 -7.95
CA MET B 33 -28.67 -15.06 -7.62
C MET B 33 -28.23 -15.46 -6.22
N VAL B 34 -29.20 -15.65 -5.33
CA VAL B 34 -28.92 -16.07 -3.97
C VAL B 34 -28.36 -17.49 -3.98
N GLU B 35 -28.88 -18.32 -4.88
CA GLU B 35 -28.40 -19.69 -5.03
C GLU B 35 -26.99 -19.70 -5.60
N LYS B 36 -26.69 -18.73 -6.45
CA LYS B 36 -25.35 -18.59 -7.03
C LYS B 36 -24.35 -18.21 -5.94
N CYS B 37 -24.72 -17.26 -5.09
CA CYS B 37 -23.87 -16.84 -4.00
C CYS B 37 -23.68 -17.97 -2.99
N TRP B 38 -24.73 -18.78 -2.82
CA TRP B 38 -24.66 -19.94 -1.93
C TRP B 38 -23.65 -20.95 -2.47
N LYS B 39 -23.69 -21.18 -3.78
CA LYS B 39 -22.77 -22.10 -4.42
C LYS B 39 -21.33 -21.60 -4.34
N LEU B 40 -21.16 -20.29 -4.50
CA LEU B 40 -19.84 -19.68 -4.42
C LEU B 40 -19.29 -19.76 -3.01
N MET B 41 -20.15 -19.54 -2.02
CA MET B 41 -19.74 -19.61 -0.63
C MET B 41 -19.34 -21.03 -0.25
N ASP B 42 -20.08 -22.01 -0.75
CA ASP B 42 -19.75 -23.41 -0.52
C ASP B 42 -18.43 -23.77 -1.19
N LYS B 43 -18.14 -23.09 -2.30
CA LYS B 43 -16.90 -23.30 -3.03
C LYS B 43 -15.72 -22.83 -2.20
N VAL B 44 -15.88 -21.70 -1.52
CA VAL B 44 -14.83 -21.15 -0.67
C VAL B 44 -14.63 -22.01 0.57
N VAL B 45 -15.73 -22.41 1.19
CA VAL B 45 -15.69 -23.25 2.38
C VAL B 45 -14.96 -24.55 2.07
N ARG B 46 -15.23 -25.11 0.90
CA ARG B 46 -14.55 -26.33 0.45
C ARG B 46 -13.06 -26.05 0.23
N LEU B 47 -12.75 -24.89 -0.34
CA LEU B 47 -11.36 -24.51 -0.59
C LEU B 47 -10.62 -24.20 0.71
N CYS B 48 -11.38 -23.88 1.76
CA CYS B 48 -10.78 -23.57 3.05
C CYS B 48 -10.85 -24.77 4.00
N GLN B 49 -11.29 -25.92 3.47
CA GLN B 49 -11.41 -27.13 4.26
C GLN B 49 -10.08 -27.89 4.31
N ASN B 50 -9.10 -27.39 3.56
CA ASN B 50 -7.78 -28.02 3.51
C ASN B 50 -7.06 -27.86 4.84
N PRO B 51 -6.50 -28.97 5.36
CA PRO B 51 -5.85 -28.99 6.67
C PRO B 51 -4.43 -28.40 6.67
N LYS B 52 -3.89 -28.09 5.50
CA LYS B 52 -2.54 -27.54 5.41
C LYS B 52 -2.55 -26.01 5.47
N LEU B 53 -3.75 -25.44 5.58
CA LEU B 53 -3.90 -23.99 5.66
C LEU B 53 -3.60 -23.48 7.07
N ALA B 54 -3.83 -24.34 8.06
CA ALA B 54 -3.63 -24.01 9.47
C ALA B 54 -4.41 -22.76 9.87
N LEU B 55 -5.69 -22.72 9.50
CA LEU B 55 -6.55 -21.61 9.84
C LEU B 55 -6.80 -21.56 11.35
N LYS B 56 -6.54 -20.41 11.95
CA LYS B 56 -6.76 -20.24 13.38
C LYS B 56 -8.26 -20.17 13.69
N ASN B 57 -8.65 -20.71 14.84
CA ASN B 57 -10.03 -20.66 15.27
C ASN B 57 -10.33 -19.32 15.93
N SER B 58 -9.32 -18.46 15.99
CA SER B 58 -9.49 -17.09 16.46
C SER B 58 -10.14 -16.24 15.38
N PRO B 59 -11.21 -15.53 15.74
CA PRO B 59 -11.92 -14.63 14.81
C PRO B 59 -10.98 -13.64 14.13
N PRO B 60 -11.16 -13.38 12.83
CA PRO B 60 -12.22 -13.94 11.97
C PRO B 60 -11.96 -15.38 11.53
N TYR B 61 -13.00 -16.22 11.62
CA TYR B 61 -12.92 -17.60 11.16
C TYR B 61 -13.90 -17.81 10.02
N ILE B 62 -13.36 -17.85 8.80
CA ILE B 62 -14.18 -17.92 7.58
C ILE B 62 -15.03 -19.18 7.53
N LEU B 63 -14.55 -20.25 8.16
CA LEU B 63 -15.28 -21.52 8.19
C LEU B 63 -16.56 -21.41 9.02
N ASP B 64 -16.65 -20.35 9.83
CA ASP B 64 -17.85 -20.07 10.59
C ASP B 64 -18.56 -18.85 10.01
N LEU B 65 -17.79 -17.95 9.41
CA LEU B 65 -18.34 -16.71 8.86
C LEU B 65 -19.29 -16.96 7.70
N LEU B 66 -18.87 -17.78 6.75
CA LEU B 66 -19.69 -18.05 5.56
C LEU B 66 -20.96 -18.85 5.87
N PRO B 67 -20.88 -19.90 6.71
CA PRO B 67 -22.14 -20.58 7.04
C PRO B 67 -23.11 -19.69 7.84
N ASP B 68 -22.57 -18.84 8.72
CA ASP B 68 -23.41 -17.94 9.49
C ASP B 68 -24.08 -16.92 8.58
N THR B 69 -23.35 -16.47 7.56
CA THR B 69 -23.89 -15.54 6.59
C THR B 69 -25.00 -16.22 5.80
N TYR B 70 -24.77 -17.47 5.43
CA TYR B 70 -25.76 -18.27 4.71
C TYR B 70 -27.02 -18.46 5.53
N GLN B 71 -26.86 -18.83 6.79
CA GLN B 71 -27.98 -19.09 7.68
C GLN B 71 -28.78 -17.82 7.97
N HIS B 72 -28.09 -16.69 8.07
CA HIS B 72 -28.75 -15.43 8.33
C HIS B 72 -29.52 -14.96 7.10
N LEU B 73 -28.95 -15.20 5.92
CA LEU B 73 -29.63 -14.91 4.66
C LEU B 73 -30.88 -15.78 4.53
N ARG B 74 -30.79 -17.01 5.05
CA ARG B 74 -31.92 -17.92 5.06
C ARG B 74 -33.00 -17.40 6.00
N THR B 75 -32.58 -16.78 7.09
CA THR B 75 -33.51 -16.21 8.06
C THR B 75 -34.23 -15.01 7.46
N ILE B 76 -33.49 -14.20 6.72
CA ILE B 76 -34.06 -13.03 6.06
C ILE B 76 -35.06 -13.48 4.99
N LEU B 77 -34.66 -14.43 4.17
CA LEU B 77 -35.52 -14.94 3.11
C LEU B 77 -36.78 -15.60 3.68
N SER B 78 -36.63 -16.23 4.84
CA SER B 78 -37.76 -16.89 5.51
C SER B 78 -38.72 -15.86 6.06
N ARG B 79 -38.19 -14.80 6.67
CA ARG B 79 -39.01 -13.73 7.23
C ARG B 79 -39.70 -12.94 6.12
N TYR B 80 -39.08 -12.91 4.94
CA TYR B 80 -39.66 -12.24 3.79
C TYR B 80 -40.20 -13.25 2.78
N GLU B 81 -40.81 -14.32 3.28
CA GLU B 81 -41.39 -15.34 2.43
C GLU B 81 -42.61 -14.81 1.68
N GLY B 82 -42.46 -14.66 0.37
CA GLY B 82 -43.54 -14.14 -0.46
C GLY B 82 -43.66 -12.64 -0.42
N LYS B 83 -42.51 -11.96 -0.58
CA LYS B 83 -42.46 -10.51 -0.57
C LYS B 83 -41.12 -10.03 -1.13
N MET B 84 -40.65 -10.70 -2.17
CA MET B 84 -39.37 -10.39 -2.81
C MET B 84 -39.35 -9.03 -3.53
N GLU B 85 -40.47 -8.33 -3.52
CA GLU B 85 -40.47 -6.97 -4.06
C GLU B 85 -39.81 -6.05 -3.04
N THR B 86 -40.34 -6.06 -1.83
CA THR B 86 -39.83 -5.21 -0.74
C THR B 86 -38.39 -5.58 -0.36
N LEU B 87 -38.06 -6.87 -0.50
CA LEU B 87 -36.71 -7.33 -0.17
C LEU B 87 -35.73 -6.95 -1.27
N GLY B 88 -36.13 -7.13 -2.52
CA GLY B 88 -35.29 -6.79 -3.65
C GLY B 88 -35.24 -5.30 -3.92
N GLU B 89 -36.07 -4.55 -3.19
CA GLU B 89 -36.11 -3.10 -3.30
C GLU B 89 -35.16 -2.46 -2.30
N ASN B 90 -34.75 -3.26 -1.32
CA ASN B 90 -33.85 -2.80 -0.28
C ASN B 90 -32.48 -2.51 -0.87
N GLU B 91 -32.07 -1.24 -0.83
CA GLU B 91 -30.78 -0.83 -1.38
C GLU B 91 -29.64 -1.51 -0.63
N TYR B 92 -29.86 -1.76 0.66
CA TYR B 92 -28.87 -2.44 1.49
C TYR B 92 -28.69 -3.89 1.07
N PHE B 93 -29.79 -4.58 0.81
CA PHE B 93 -29.75 -5.99 0.47
C PHE B 93 -29.09 -6.22 -0.89
N ARG B 94 -29.34 -5.30 -1.82
CA ARG B 94 -28.80 -5.43 -3.16
C ARG B 94 -27.29 -5.22 -3.16
N VAL B 95 -26.83 -4.20 -2.44
CA VAL B 95 -25.41 -3.89 -2.34
C VAL B 95 -24.69 -5.00 -1.58
N PHE B 96 -25.33 -5.50 -0.52
CA PHE B 96 -24.73 -6.54 0.29
C PHE B 96 -24.53 -7.83 -0.51
N MET B 97 -25.55 -8.21 -1.27
CA MET B 97 -25.48 -9.42 -2.08
C MET B 97 -24.45 -9.28 -3.20
N GLU B 98 -24.42 -8.12 -3.85
CA GLU B 98 -23.44 -7.85 -4.89
C GLU B 98 -22.02 -7.89 -4.33
N ASN B 99 -21.83 -7.21 -3.21
CA ASN B 99 -20.54 -7.21 -2.52
C ASN B 99 -20.16 -8.61 -2.06
N LEU B 100 -21.16 -9.38 -1.63
CA LEU B 100 -20.94 -10.75 -1.19
C LEU B 100 -20.41 -11.61 -2.33
N MET B 101 -21.05 -11.51 -3.49
CA MET B 101 -20.63 -12.27 -4.67
C MET B 101 -19.25 -11.83 -5.15
N LYS B 102 -18.98 -10.53 -5.08
CA LYS B 102 -17.69 -9.99 -5.50
C LYS B 102 -16.56 -10.51 -4.60
N LYS B 103 -16.73 -10.36 -3.29
CA LYS B 103 -15.74 -10.80 -2.32
C LYS B 103 -15.54 -12.31 -2.37
N THR B 104 -16.60 -13.03 -2.68
CA THR B 104 -16.54 -14.49 -2.75
C THR B 104 -15.74 -14.94 -3.98
N LYS B 105 -16.08 -14.38 -5.13
CA LYS B 105 -15.39 -14.70 -6.37
C LYS B 105 -13.92 -14.27 -6.29
N GLN B 106 -13.68 -13.15 -5.62
CA GLN B 106 -12.34 -12.65 -5.40
C GLN B 106 -11.55 -13.62 -4.53
N THR B 107 -12.22 -14.23 -3.56
CA THR B 107 -11.60 -15.19 -2.67
C THR B 107 -11.22 -16.47 -3.44
N ILE B 108 -12.13 -16.91 -4.32
CA ILE B 108 -11.89 -18.09 -5.14
C ILE B 108 -10.72 -17.83 -6.08
N SER B 109 -10.71 -16.65 -6.69
CA SER B 109 -9.64 -16.25 -7.59
C SER B 109 -8.29 -16.23 -6.86
N LEU B 110 -8.30 -15.66 -5.65
CA LEU B 110 -7.12 -15.61 -4.80
C LEU B 110 -6.59 -17.02 -4.52
N PHE B 111 -7.51 -17.95 -4.32
CA PHE B 111 -7.14 -19.35 -4.10
C PHE B 111 -6.56 -19.97 -5.37
N LYS B 112 -7.05 -19.53 -6.52
CA LYS B 112 -6.64 -20.09 -7.80
C LYS B 112 -5.22 -19.67 -8.19
N GLU B 113 -4.81 -18.48 -7.75
CA GLU B 113 -3.50 -17.96 -8.13
C GLU B 113 -2.40 -18.42 -7.17
N GLY B 114 -2.78 -18.68 -5.93
CA GLY B 114 -1.82 -19.00 -4.88
C GLY B 114 -1.12 -20.34 -4.99
N LYS B 115 -1.88 -21.36 -5.38
CA LYS B 115 -1.38 -22.74 -5.46
C LYS B 115 -0.82 -23.21 -4.12
N GLU B 116 0.33 -23.86 -4.15
CA GLU B 116 0.93 -24.42 -2.93
C GLU B 116 1.46 -23.34 -2.00
N ARG B 117 1.60 -22.12 -2.50
CA ARG B 117 2.09 -21.01 -1.71
C ARG B 117 1.08 -20.57 -0.66
N MET B 118 -0.18 -20.95 -0.86
CA MET B 118 -1.24 -20.63 0.10
C MET B 118 -1.07 -21.42 1.39
N TYR B 119 -0.34 -22.53 1.30
CA TYR B 119 -0.10 -23.38 2.46
C TYR B 119 1.28 -23.10 3.05
N GLU B 120 1.96 -22.09 2.50
CA GLU B 120 3.31 -21.75 2.94
C GLU B 120 3.30 -20.83 4.15
N GLU B 121 4.48 -20.61 4.72
CA GLU B 121 4.62 -19.79 5.92
C GLU B 121 4.61 -18.30 5.60
N ASN B 122 3.50 -17.65 5.93
CA ASN B 122 3.34 -16.21 5.78
C ASN B 122 3.60 -15.73 4.35
N SER B 123 2.94 -16.36 3.38
CA SER B 123 3.03 -15.92 2.00
C SER B 123 2.08 -14.75 1.78
N GLN B 124 1.86 -14.40 0.51
CA GLN B 124 1.01 -13.25 0.20
C GLN B 124 -0.46 -13.60 -0.06
N PRO B 125 -0.73 -14.68 -0.84
CA PRO B 125 -2.16 -15.01 -0.98
C PRO B 125 -2.80 -15.46 0.32
N ARG B 126 -2.00 -16.00 1.24
CA ARG B 126 -2.50 -16.39 2.55
C ARG B 126 -2.79 -15.16 3.40
N ARG B 127 -1.95 -14.14 3.27
CA ARG B 127 -2.13 -12.88 3.98
C ARG B 127 -3.38 -12.17 3.47
N ASN B 128 -3.55 -12.16 2.15
CA ASN B 128 -4.74 -11.56 1.53
C ASN B 128 -5.98 -12.36 1.88
N LEU B 129 -5.80 -13.65 2.15
CA LEU B 129 -6.90 -14.51 2.57
C LEU B 129 -7.34 -14.14 3.98
N THR B 130 -6.38 -13.77 4.82
CA THR B 130 -6.67 -13.31 6.18
C THR B 130 -7.40 -11.97 6.14
N LYS B 131 -6.94 -11.07 5.27
CA LYS B 131 -7.58 -9.78 5.10
C LYS B 131 -9.01 -9.93 4.59
N LEU B 132 -9.20 -10.83 3.62
CA LEU B 132 -10.53 -11.12 3.10
C LEU B 132 -11.41 -11.73 4.17
N SER B 133 -10.82 -12.53 5.05
CA SER B 133 -11.55 -13.12 6.15
C SER B 133 -12.05 -12.04 7.10
N LEU B 134 -11.22 -11.03 7.33
CA LEU B 134 -11.60 -9.90 8.18
C LEU B 134 -12.73 -9.13 7.53
N ILE B 135 -12.71 -9.02 6.21
CA ILE B 135 -13.77 -8.36 5.47
C ILE B 135 -15.06 -9.14 5.64
N PHE B 136 -14.97 -10.46 5.55
CA PHE B 136 -16.13 -11.33 5.74
C PHE B 136 -16.74 -11.15 7.12
N SER B 137 -15.88 -10.99 8.12
CA SER B 137 -16.34 -10.75 9.49
C SER B 137 -17.08 -9.42 9.58
N HIS B 138 -16.57 -8.42 8.88
CA HIS B 138 -17.19 -7.10 8.87
C HIS B 138 -18.56 -7.13 8.20
N MET B 139 -18.64 -7.83 7.07
CA MET B 139 -19.90 -7.92 6.32
C MET B 139 -20.97 -8.65 7.11
N LEU B 140 -20.56 -9.71 7.81
CA LEU B 140 -21.50 -10.49 8.62
C LEU B 140 -22.02 -9.66 9.79
N ALA B 141 -21.13 -8.94 10.45
CA ALA B 141 -21.50 -8.08 11.57
C ALA B 141 -22.44 -6.98 11.10
N GLU B 142 -22.21 -6.48 9.90
CA GLU B 142 -23.05 -5.44 9.32
C GLU B 142 -24.44 -5.99 9.00
N LEU B 143 -24.47 -7.21 8.48
CA LEU B 143 -25.73 -7.86 8.13
C LEU B 143 -26.58 -8.12 9.36
N LYS B 144 -25.95 -8.65 10.41
CA LYS B 144 -26.65 -8.90 11.67
C LYS B 144 -27.10 -7.60 12.32
N GLY B 145 -26.34 -6.53 12.08
CA GLY B 145 -26.67 -5.24 12.64
C GLY B 145 -27.85 -4.56 11.97
N ILE B 146 -27.93 -4.68 10.64
CA ILE B 146 -28.99 -4.06 9.87
C ILE B 146 -30.20 -5.00 9.81
N PHE B 147 -29.95 -6.31 9.86
CA PHE B 147 -31.02 -7.29 9.86
C PHE B 147 -31.03 -8.14 11.13
N PRO B 148 -31.48 -7.57 12.26
CA PRO B 148 -31.61 -8.38 13.47
C PRO B 148 -32.76 -9.36 13.38
N SER B 149 -32.48 -10.64 13.62
CA SER B 149 -33.49 -11.70 13.61
C SER B 149 -34.24 -11.76 12.28
N GLY B 150 -33.53 -11.48 11.19
CA GLY B 150 -34.12 -11.55 9.87
C GLY B 150 -34.93 -10.34 9.47
N LEU B 151 -35.31 -9.54 10.45
CA LEU B 151 -36.11 -8.33 10.21
C LEU B 151 -35.22 -7.13 9.94
N PHE B 152 -35.65 -6.28 9.01
CA PHE B 152 -34.90 -5.08 8.66
C PHE B 152 -35.07 -3.98 9.70
N GLN B 153 -34.00 -3.25 9.96
CA GLN B 153 -34.04 -2.16 10.93
C GLN B 153 -32.96 -1.11 10.64
N GLY B 154 -32.79 -0.79 9.36
CA GLY B 154 -31.81 0.19 8.94
C GLY B 154 -32.36 1.60 8.91
N ASP B 155 -33.63 1.72 8.54
CA ASP B 155 -34.30 3.02 8.49
C ASP B 155 -34.63 3.50 9.91
N THR B 156 -34.64 2.56 10.85
CA THR B 156 -34.87 2.89 12.26
C THR B 156 -33.63 2.56 13.08
N PHE B 157 -32.47 2.63 12.44
CA PHE B 157 -31.20 2.37 13.12
C PHE B 157 -30.89 3.47 14.13
N ARG B 158 -30.46 3.07 15.33
CA ARG B 158 -30.17 4.03 16.38
C ARG B 158 -28.67 4.28 16.51
N ILE B 159 -28.23 5.45 16.08
CA ILE B 159 -26.83 5.85 16.22
C ILE B 159 -26.60 6.34 17.64
N THR B 160 -25.52 5.88 18.26
CA THR B 160 -25.22 6.20 19.65
C THR B 160 -24.96 7.69 19.84
N LYS B 161 -24.23 8.30 18.91
CA LYS B 161 -23.91 9.72 18.99
C LYS B 161 -25.00 10.58 18.35
N ALA B 162 -25.42 11.62 19.06
CA ALA B 162 -26.51 12.48 18.62
C ALA B 162 -26.08 13.42 17.49
N ASP B 163 -24.87 13.97 17.61
CA ASP B 163 -24.36 14.90 16.61
C ASP B 163 -24.13 14.20 15.27
N ALA B 164 -23.63 12.97 15.32
CA ALA B 164 -23.41 12.18 14.13
C ALA B 164 -24.74 11.78 13.49
N ALA B 165 -25.72 11.46 14.33
CA ALA B 165 -27.05 11.11 13.86
C ALA B 165 -27.71 12.32 13.21
N GLU B 166 -27.45 13.50 13.76
CA GLU B 166 -27.98 14.75 13.23
C GLU B 166 -27.37 15.05 11.85
N PHE B 167 -26.09 14.75 11.70
CA PHE B 167 -25.40 14.94 10.44
C PHE B 167 -25.99 14.06 9.35
N TRP B 168 -26.19 12.79 9.67
CA TRP B 168 -26.73 11.84 8.71
C TRP B 168 -28.17 12.19 8.33
N ARG B 169 -28.93 12.67 9.30
CA ARG B 169 -30.33 13.03 9.08
C ARG B 169 -30.45 14.31 8.26
N LYS B 170 -29.41 15.15 8.32
CA LYS B 170 -29.42 16.41 7.60
C LYS B 170 -28.78 16.29 6.22
N ALA B 171 -27.94 15.27 6.04
CA ALA B 171 -27.24 15.08 4.78
C ALA B 171 -27.96 14.09 3.87
N PHE B 172 -28.33 12.94 4.43
CA PHE B 172 -28.95 11.88 3.64
C PHE B 172 -30.42 11.70 4.02
N GLY B 173 -30.78 12.12 5.22
CA GLY B 173 -32.15 12.06 5.68
C GLY B 173 -32.63 10.67 6.05
N GLU B 174 -32.00 10.08 7.07
CA GLU B 174 -32.36 8.77 7.59
C GLU B 174 -32.32 7.68 6.51
N LYS B 175 -31.15 7.06 6.36
CA LYS B 175 -30.98 6.01 5.36
C LYS B 175 -30.47 4.71 5.99
N THR B 176 -29.90 3.85 5.15
CA THR B 176 -29.28 2.62 5.61
C THR B 176 -27.89 2.52 4.99
N ILE B 177 -27.79 2.93 3.73
CA ILE B 177 -26.51 2.89 3.01
C ILE B 177 -26.49 3.96 1.91
N VAL B 178 -25.36 4.66 1.80
CA VAL B 178 -25.17 5.66 0.76
C VAL B 178 -23.82 5.44 0.10
N PRO B 179 -23.69 5.83 -1.18
CA PRO B 179 -22.40 5.70 -1.87
C PRO B 179 -21.30 6.52 -1.21
N TRP B 180 -20.07 6.01 -1.26
CA TRP B 180 -18.93 6.69 -0.64
C TRP B 180 -18.68 8.06 -1.26
N LYS B 181 -18.89 8.17 -2.57
CA LYS B 181 -18.66 9.40 -3.29
C LYS B 181 -19.55 10.53 -2.78
N SER B 182 -20.72 10.16 -2.26
CA SER B 182 -21.65 11.13 -1.71
C SER B 182 -21.35 11.41 -0.24
N PHE B 183 -20.91 10.38 0.47
CA PHE B 183 -20.60 10.50 1.88
C PHE B 183 -19.39 11.41 2.10
N ARG B 184 -18.43 11.33 1.18
CA ARG B 184 -17.23 12.16 1.25
C ARG B 184 -17.58 13.63 1.05
N GLN B 185 -18.45 13.91 0.09
CA GLN B 185 -18.90 15.27 -0.19
C GLN B 185 -19.71 15.82 0.98
N ALA B 186 -20.55 14.97 1.57
CA ALA B 186 -21.38 15.36 2.69
C ALA B 186 -20.56 15.65 3.94
N LEU B 187 -19.59 14.77 4.21
CA LEU B 187 -18.74 14.92 5.38
C LEU B 187 -17.80 16.11 5.24
N HIS B 188 -17.45 16.43 4.00
CA HIS B 188 -16.52 17.52 3.72
C HIS B 188 -17.07 18.87 4.17
N GLU B 189 -18.39 18.94 4.33
CA GLU B 189 -19.03 20.16 4.80
C GLU B 189 -18.89 20.30 6.31
N VAL B 190 -19.32 19.26 7.04
CA VAL B 190 -19.24 19.27 8.49
C VAL B 190 -17.78 19.13 8.94
N HIS B 191 -16.99 18.40 8.15
CA HIS B 191 -15.58 18.20 8.46
C HIS B 191 -14.74 18.18 7.20
N PRO B 192 -14.07 19.31 6.90
CA PRO B 192 -13.25 19.45 5.69
C PRO B 192 -12.06 18.50 5.65
N ILE B 193 -11.92 17.78 4.55
CA ILE B 193 -10.80 16.87 4.37
C ILE B 193 -9.67 17.62 3.66
N SER B 194 -8.48 17.60 4.27
CA SER B 194 -7.34 18.34 3.74
C SER B 194 -6.91 17.83 2.36
N SER B 195 -6.34 16.63 2.32
CA SER B 195 -5.85 16.06 1.08
C SER B 195 -6.69 14.86 0.65
N GLY B 196 -6.54 14.47 -0.61
CA GLY B 196 -7.22 13.29 -1.12
C GLY B 196 -6.64 12.02 -0.53
N LEU B 197 -5.36 12.08 -0.16
CA LEU B 197 -4.70 10.96 0.49
C LEU B 197 -5.37 10.68 1.83
N GLU B 198 -5.74 11.76 2.53
CA GLU B 198 -6.44 11.65 3.80
C GLU B 198 -7.78 10.98 3.60
N ALA B 199 -8.45 11.31 2.49
CA ALA B 199 -9.75 10.73 2.16
C ALA B 199 -9.62 9.24 1.86
N MET B 200 -8.49 8.86 1.26
CA MET B 200 -8.23 7.47 0.92
C MET B 200 -7.97 6.65 2.18
N ALA B 201 -7.14 7.21 3.07
CA ALA B 201 -6.85 6.57 4.35
C ALA B 201 -8.10 6.53 5.22
N LEU B 202 -8.90 7.59 5.14
CA LEU B 202 -10.16 7.66 5.86
C LEU B 202 -11.11 6.57 5.36
N LYS B 203 -11.16 6.40 4.05
CA LYS B 203 -12.03 5.40 3.44
C LYS B 203 -11.60 4.00 3.84
N SER B 204 -10.29 3.75 3.86
CA SER B 204 -9.76 2.45 4.26
C SER B 204 -10.06 2.17 5.72
N THR B 205 -10.37 3.21 6.47
CA THR B 205 -10.66 3.08 7.89
C THR B 205 -12.15 2.88 8.16
N ILE B 206 -12.99 3.54 7.38
CA ILE B 206 -14.44 3.52 7.62
C ILE B 206 -15.16 2.49 6.75
N ASP B 207 -14.68 2.28 5.53
CA ASP B 207 -15.31 1.31 4.64
C ASP B 207 -14.85 -0.11 5.01
N LEU B 208 -15.49 -0.66 6.03
CA LEU B 208 -15.11 -1.96 6.57
C LEU B 208 -15.38 -3.10 5.58
N THR B 209 -16.49 -3.00 4.87
CA THR B 209 -16.90 -4.07 3.95
C THR B 209 -16.18 -3.96 2.61
N CYS B 210 -15.47 -2.85 2.40
CA CYS B 210 -14.69 -2.61 1.20
C CYS B 210 -15.54 -2.77 -0.06
N ASN B 211 -16.62 -2.01 -0.14
CA ASN B 211 -17.55 -2.10 -1.26
C ASN B 211 -17.83 -0.73 -1.87
N ASP B 212 -16.99 0.24 -1.52
CA ASP B 212 -17.15 1.62 -1.96
C ASP B 212 -18.52 2.19 -1.56
N TYR B 213 -18.97 1.80 -0.37
CA TYR B 213 -20.24 2.29 0.17
C TYR B 213 -20.12 2.55 1.67
N ILE B 214 -20.93 3.47 2.18
CA ILE B 214 -20.93 3.79 3.60
C ILE B 214 -22.32 3.57 4.18
N SER B 215 -22.41 2.68 5.15
CA SER B 215 -23.69 2.38 5.79
C SER B 215 -23.80 3.04 7.16
N VAL B 216 -25.02 3.07 7.69
CA VAL B 216 -25.27 3.66 9.01
C VAL B 216 -24.54 2.85 10.07
N PHE B 217 -24.40 1.55 9.83
CA PHE B 217 -23.67 0.68 10.75
C PHE B 217 -22.20 1.09 10.82
N GLU B 218 -21.57 1.19 9.66
CA GLU B 218 -20.17 1.61 9.56
C GLU B 218 -19.99 3.03 10.09
N PHE B 219 -20.95 3.89 9.75
CA PHE B 219 -20.92 5.29 10.20
C PHE B 219 -20.99 5.36 11.72
N ASP B 220 -21.82 4.49 12.31
CA ASP B 220 -21.94 4.42 13.76
C ASP B 220 -20.63 3.98 14.39
N ILE B 221 -20.00 2.98 13.78
CA ILE B 221 -18.75 2.43 14.28
C ILE B 221 -17.66 3.50 14.30
N PHE B 222 -17.49 4.19 13.18
CA PHE B 222 -16.44 5.19 13.04
C PHE B 222 -16.69 6.40 13.96
N THR B 223 -17.94 6.82 14.07
CA THR B 223 -18.29 7.99 14.87
C THR B 223 -18.25 7.68 16.36
N ARG B 224 -18.30 6.41 16.72
CA ARG B 224 -18.15 5.99 18.11
C ARG B 224 -16.67 5.88 18.48
N LEU B 225 -15.87 5.45 17.52
CA LEU B 225 -14.44 5.23 17.76
C LEU B 225 -13.67 6.54 17.91
N PHE B 226 -14.15 7.59 17.25
CA PHE B 226 -13.43 8.87 17.26
C PHE B 226 -14.32 10.01 17.73
N GLN B 227 -14.82 9.88 18.96
CA GLN B 227 -15.61 10.93 19.60
C GLN B 227 -14.68 11.96 20.24
N PRO B 228 -15.14 13.21 20.39
CA PRO B 228 -16.46 13.74 20.01
C PRO B 228 -16.58 14.07 18.52
N TRP B 229 -17.80 14.36 18.09
CA TRP B 229 -18.07 14.65 16.69
C TRP B 229 -17.49 15.99 16.25
N SER B 230 -17.50 16.96 17.15
CA SER B 230 -17.08 18.33 16.82
C SER B 230 -15.64 18.40 16.31
N SER B 231 -14.82 17.44 16.72
CA SER B 231 -13.43 17.38 16.28
C SER B 231 -13.10 16.03 15.65
N LEU B 232 -14.07 15.49 14.90
CA LEU B 232 -13.99 14.14 14.34
C LEU B 232 -12.69 13.86 13.59
N LEU B 233 -12.49 14.56 12.47
CA LEU B 233 -11.32 14.31 11.63
C LEU B 233 -10.01 14.68 12.35
N ARG B 234 -10.11 15.49 13.40
CA ARG B 234 -8.95 15.80 14.22
C ARG B 234 -8.57 14.59 15.06
N ASN B 235 -9.55 14.05 15.78
CA ASN B 235 -9.33 12.90 16.65
C ASN B 235 -8.76 11.73 15.86
N TRP B 236 -9.36 11.45 14.71
CA TRP B 236 -8.91 10.39 13.83
C TRP B 236 -7.45 10.61 13.43
N ASN B 237 -7.14 11.81 12.95
CA ASN B 237 -5.78 12.13 12.52
C ASN B 237 -4.80 12.08 13.69
N SER B 238 -5.31 12.30 14.91
CA SER B 238 -4.47 12.34 16.09
C SER B 238 -4.35 10.99 16.77
N LEU B 239 -5.37 10.14 16.61
CA LEU B 239 -5.39 8.84 17.27
C LEU B 239 -4.99 7.71 16.32
N ALA B 240 -5.28 7.90 15.03
CA ALA B 240 -4.89 6.91 14.02
C ALA B 240 -3.63 7.37 13.30
N VAL B 241 -3.84 8.07 12.18
CA VAL B 241 -2.81 8.49 11.24
C VAL B 241 -1.41 8.71 11.81
N THR B 242 -1.31 9.54 12.84
CA THR B 242 -0.01 9.98 13.34
C THR B 242 0.41 9.31 14.65
N HIS B 243 -0.54 8.68 15.33
CA HIS B 243 -0.24 8.06 16.62
C HIS B 243 0.41 6.68 16.45
N PRO B 244 1.67 6.55 16.90
CA PRO B 244 2.45 5.32 16.74
C PRO B 244 1.96 4.14 17.59
N GLY B 245 0.84 4.32 18.29
CA GLY B 245 0.28 3.26 19.10
C GLY B 245 -0.84 2.51 18.42
N TYR B 246 -1.54 3.21 17.52
CA TYR B 246 -2.65 2.62 16.77
C TYR B 246 -2.15 1.46 15.91
N MET B 247 -2.84 0.34 15.97
CA MET B 247 -2.42 -0.86 15.24
C MET B 247 -3.57 -1.44 14.43
N ALA B 248 -4.61 -0.64 14.23
CA ALA B 248 -5.81 -1.07 13.50
C ALA B 248 -6.39 -2.35 14.07
N PHE B 249 -6.85 -3.25 13.20
CA PHE B 249 -7.43 -4.50 13.65
C PHE B 249 -6.36 -5.54 13.96
N LEU B 250 -6.33 -5.99 15.21
CA LEU B 250 -5.43 -7.06 15.63
C LEU B 250 -6.20 -8.11 16.41
N THR B 251 -5.54 -9.23 16.68
CA THR B 251 -6.13 -10.27 17.51
C THR B 251 -5.48 -10.29 18.89
N TYR B 252 -6.08 -11.05 19.79
CA TYR B 252 -5.60 -11.16 21.17
C TYR B 252 -4.14 -11.61 21.23
N ASP B 253 -3.84 -12.72 20.56
CA ASP B 253 -2.51 -13.28 20.57
C ASP B 253 -1.51 -12.35 19.88
N GLU B 254 -1.97 -11.63 18.86
CA GLU B 254 -1.11 -10.68 18.15
C GLU B 254 -0.76 -9.49 19.03
N VAL B 255 -1.70 -9.05 19.85
CA VAL B 255 -1.45 -7.96 20.78
C VAL B 255 -0.43 -8.42 21.82
N LYS B 256 -0.61 -9.63 22.33
CA LYS B 256 0.29 -10.17 23.34
C LYS B 256 1.64 -10.55 22.75
N ALA B 257 1.70 -10.72 21.44
CA ALA B 257 2.95 -11.08 20.75
C ALA B 257 3.77 -9.84 20.45
N ARG B 258 3.13 -8.80 19.93
CA ARG B 258 3.81 -7.57 19.57
C ARG B 258 4.27 -6.82 20.82
N LEU B 259 3.45 -6.89 21.87
CA LEU B 259 3.73 -6.17 23.10
C LEU B 259 4.84 -6.88 23.90
N GLN B 260 5.28 -8.03 23.43
CA GLN B 260 6.43 -8.71 24.01
C GLN B 260 7.70 -7.93 23.66
N LYS B 261 8.84 -8.41 24.16
CA LYS B 261 10.13 -7.72 24.07
C LYS B 261 10.11 -6.43 24.88
N PHE B 262 8.98 -5.74 24.89
CA PHE B 262 8.78 -4.55 25.70
C PHE B 262 8.21 -4.94 27.07
N ILE B 263 8.29 -6.23 27.39
CA ILE B 263 7.89 -6.72 28.71
C ILE B 263 8.97 -6.34 29.71
N HIS B 264 10.14 -6.00 29.18
CA HIS B 264 11.23 -5.47 29.99
C HIS B 264 11.15 -3.94 30.02
N LYS B 265 9.94 -3.43 29.86
CA LYS B 265 9.70 -1.99 29.81
C LYS B 265 8.24 -1.69 30.12
N PRO B 266 7.91 -1.62 31.42
CA PRO B 266 6.55 -1.30 31.87
C PRO B 266 6.07 0.06 31.38
N GLY B 267 4.85 0.12 30.87
CA GLY B 267 4.30 1.34 30.32
C GLY B 267 4.09 1.27 28.83
N SER B 268 4.77 0.31 28.19
CA SER B 268 4.61 0.10 26.76
C SER B 268 3.20 -0.37 26.44
N TYR B 269 2.59 0.22 25.43
CA TYR B 269 1.20 -0.06 25.12
C TYR B 269 0.88 0.06 23.64
N ILE B 270 -0.19 -0.61 23.22
CA ILE B 270 -0.76 -0.45 21.89
C ILE B 270 -2.28 -0.42 22.04
N PHE B 271 -2.95 0.31 21.15
CA PHE B 271 -4.41 0.30 21.13
C PHE B 271 -4.91 -0.08 19.75
N ARG B 272 -5.93 -0.93 19.71
CA ARG B 272 -6.36 -1.55 18.46
C ARG B 272 -7.88 -1.56 18.31
N LEU B 273 -8.34 -2.26 17.28
CA LEU B 273 -9.76 -2.45 17.03
C LEU B 273 -10.10 -3.94 17.12
N SER B 274 -11.36 -4.23 17.43
CA SER B 274 -11.81 -5.61 17.54
C SER B 274 -12.91 -5.92 16.52
N CYS B 275 -12.72 -6.98 15.75
CA CYS B 275 -13.70 -7.38 14.75
C CYS B 275 -14.97 -7.91 15.40
N THR B 276 -14.86 -8.33 16.66
CA THR B 276 -16.00 -8.82 17.42
C THR B 276 -16.60 -7.71 18.28
N ARG B 277 -15.84 -6.63 18.45
CA ARG B 277 -16.29 -5.47 19.23
C ARG B 277 -16.20 -4.20 18.40
N LEU B 278 -16.88 -4.18 17.27
CA LEU B 278 -16.84 -3.03 16.36
C LEU B 278 -17.36 -1.77 17.04
N GLY B 279 -16.60 -0.69 16.93
CA GLY B 279 -16.98 0.57 17.54
C GLY B 279 -16.37 0.78 18.91
N GLN B 280 -15.51 -0.15 19.31
CA GLN B 280 -14.86 -0.09 20.61
C GLN B 280 -13.34 -0.20 20.47
N TRP B 281 -12.62 0.45 21.38
CA TRP B 281 -11.16 0.40 21.37
C TRP B 281 -10.63 -0.66 22.33
N ALA B 282 -9.46 -1.20 22.02
CA ALA B 282 -8.82 -2.20 22.87
C ALA B 282 -7.39 -1.81 23.18
N ILE B 283 -7.15 -1.32 24.39
CA ILE B 283 -5.82 -0.87 24.79
C ILE B 283 -5.09 -1.94 25.58
N GLY B 284 -4.07 -2.53 24.97
CA GLY B 284 -3.22 -3.49 25.66
C GLY B 284 -1.97 -2.84 26.20
N TYR B 285 -1.81 -2.87 27.52
CA TYR B 285 -0.67 -2.21 28.15
C TYR B 285 0.09 -3.13 29.10
N VAL B 286 1.41 -3.00 29.09
CA VAL B 286 2.28 -3.77 29.96
C VAL B 286 2.29 -3.16 31.37
N THR B 287 2.19 -4.02 32.37
CA THR B 287 2.22 -3.57 33.76
C THR B 287 3.60 -3.75 34.37
N ALA B 288 3.72 -3.46 35.66
CA ALA B 288 5.01 -3.58 36.35
C ALA B 288 5.26 -5.01 36.85
N ASP B 289 4.26 -5.88 36.73
CA ASP B 289 4.37 -7.26 37.18
C ASP B 289 5.52 -8.09 36.58
N GLY B 290 5.74 -8.08 35.25
CA GLY B 290 4.95 -7.35 34.27
C GLY B 290 3.98 -8.21 33.49
N ASN B 291 2.73 -7.77 33.42
CA ASN B 291 1.68 -8.51 32.72
C ASN B 291 0.97 -7.66 31.68
N ILE B 292 0.67 -8.26 30.53
CA ILE B 292 -0.06 -7.60 29.48
C ILE B 292 -1.55 -7.63 29.79
N LEU B 293 -2.16 -6.45 29.88
CA LEU B 293 -3.59 -6.34 30.19
C LEU B 293 -4.34 -5.64 29.07
N GLN B 294 -5.16 -6.39 28.34
CA GLN B 294 -6.07 -5.77 27.38
C GLN B 294 -7.12 -4.98 28.18
N THR B 295 -7.59 -3.88 27.61
CA THR B 295 -8.54 -3.03 28.34
C THR B 295 -9.43 -2.25 27.37
N ILE B 296 -10.73 -2.27 27.65
CA ILE B 296 -11.69 -1.54 26.84
C ILE B 296 -12.12 -0.28 27.59
N PRO B 297 -11.67 0.89 27.12
CA PRO B 297 -11.99 2.17 27.75
C PRO B 297 -13.47 2.53 27.64
N HIS B 298 -14.24 2.14 28.66
CA HIS B 298 -15.68 2.39 28.65
C HIS B 298 -16.03 3.80 29.13
N ASN B 299 -17.18 4.29 28.68
CA ASN B 299 -17.76 5.55 29.16
C ASN B 299 -16.96 6.81 28.79
N LYS B 300 -15.70 6.63 28.44
CA LYS B 300 -14.82 7.77 28.15
C LYS B 300 -14.25 7.69 26.74
N PRO B 301 -14.01 8.86 26.11
CA PRO B 301 -13.36 8.93 24.80
C PRO B 301 -11.96 8.32 24.81
N LEU B 302 -11.42 8.04 23.63
CA LEU B 302 -10.15 7.34 23.52
C LEU B 302 -8.97 8.18 23.99
N PHE B 303 -8.88 9.41 23.48
CA PHE B 303 -7.77 10.29 23.81
C PHE B 303 -7.81 10.68 25.29
N GLN B 304 -9.00 10.76 25.86
CA GLN B 304 -9.15 11.05 27.28
C GLN B 304 -8.63 9.90 28.13
N ALA B 305 -8.92 8.68 27.68
CA ALA B 305 -8.45 7.49 28.38
C ALA B 305 -6.93 7.36 28.27
N LEU B 306 -6.37 7.79 27.13
CA LEU B 306 -4.93 7.74 26.93
C LEU B 306 -4.23 8.78 27.81
N ILE B 307 -4.83 9.95 27.92
CA ILE B 307 -4.27 11.02 28.76
C ILE B 307 -4.27 10.59 30.21
N ASP B 308 -5.43 10.16 30.70
CA ASP B 308 -5.56 9.70 32.08
C ASP B 308 -4.62 8.52 32.36
N GLY B 309 -4.52 7.61 31.40
CA GLY B 309 -3.64 6.46 31.52
C GLY B 309 -2.17 6.85 31.53
N PHE B 310 -1.85 7.96 30.88
CA PHE B 310 -0.49 8.47 30.84
C PHE B 310 -0.12 9.11 32.18
N ARG B 311 -1.05 9.88 32.74
CA ARG B 311 -0.83 10.53 34.02
C ARG B 311 -0.65 9.49 35.13
N GLU B 312 -1.35 8.37 35.00
CA GLU B 312 -1.26 7.29 35.98
C GLU B 312 -0.09 6.35 35.67
N GLY B 313 0.62 6.64 34.59
CA GLY B 313 1.82 5.88 34.24
C GLY B 313 1.57 4.49 33.69
N PHE B 314 0.40 4.30 33.07
CA PHE B 314 0.08 3.03 32.43
C PHE B 314 0.43 3.07 30.94
N TYR B 315 0.02 4.15 30.28
CA TYR B 315 0.26 4.31 28.86
C TYR B 315 1.39 5.31 28.64
N LEU B 316 2.62 4.81 28.54
CA LEU B 316 3.78 5.69 28.49
C LEU B 316 4.57 5.56 27.19
N PHE B 317 4.67 4.35 26.66
CA PHE B 317 5.50 4.11 25.49
C PHE B 317 4.73 3.46 24.34
N PRO B 318 4.38 4.27 23.33
CA PRO B 318 3.64 3.80 22.15
C PRO B 318 4.48 2.87 21.29
N ASP B 319 4.07 1.61 21.15
CA ASP B 319 4.80 0.62 20.39
C ASP B 319 6.24 0.49 20.90
N GLY B 320 6.40 0.66 22.21
CA GLY B 320 7.71 0.55 22.84
C GLY B 320 8.59 1.76 22.66
N ARG B 321 8.17 2.68 21.78
CA ARG B 321 8.95 3.88 21.52
C ARG B 321 8.96 4.81 22.73
N ASN B 322 10.09 5.50 22.94
CA ASN B 322 10.25 6.36 24.11
C ASN B 322 9.32 7.55 24.10
N GLN B 323 9.26 8.26 22.97
CA GLN B 323 8.44 9.45 22.86
C GLN B 323 6.95 9.12 22.78
N ASN B 324 6.13 9.94 23.45
CA ASN B 324 4.69 9.74 23.46
C ASN B 324 3.98 11.00 23.02
N PRO B 325 3.03 10.86 22.07
CA PRO B 325 2.29 11.99 21.47
C PRO B 325 1.55 12.84 22.50
N ASP B 326 1.62 14.15 22.35
CA ASP B 326 0.84 15.07 23.17
C ASP B 326 -0.57 15.16 22.62
N LEU B 327 -1.54 14.67 23.38
CA LEU B 327 -2.92 14.59 22.91
C LEU B 327 -3.82 15.64 23.56
N THR B 328 -3.28 16.83 23.76
CA THR B 328 -4.05 17.92 24.36
C THR B 328 -5.05 18.48 23.37
N GLY B 329 -6.31 18.07 23.50
CA GLY B 329 -7.37 18.54 22.64
C GLY B 329 -8.56 19.08 23.41
N LEU C 1 -9.02 1.13 -12.66
CA LEU C 1 -8.22 -0.09 -12.67
C LEU C 1 -6.80 0.18 -12.18
N SER C 2 -6.21 -0.81 -11.53
CA SER C 2 -4.82 -0.75 -11.10
C SER C 2 -4.18 -2.14 -11.27
N GLU C 3 -2.86 -2.23 -11.15
CA GLU C 3 -2.17 -3.46 -11.51
C GLU C 3 -0.81 -3.64 -10.82
N GLY C 4 0.19 -2.85 -11.22
CA GLY C 4 1.52 -2.93 -10.65
C GLY C 4 1.87 -1.62 -9.98
N LEU C 5 1.02 -0.62 -10.21
CA LEU C 5 1.09 0.63 -9.48
C LEU C 5 0.67 0.34 -8.04
N ARG C 6 -0.13 -0.71 -7.87
CA ARG C 6 -0.52 -1.18 -6.55
C ARG C 6 0.70 -1.58 -5.76
N GLU C 7 1.64 -2.27 -6.42
CA GLU C 7 2.84 -2.76 -5.77
C GLU C 7 3.73 -1.61 -5.33
N SER C 8 3.91 -0.63 -6.21
CA SER C 8 4.77 0.51 -5.91
C SER C 8 4.13 1.43 -4.88
N LEU C 9 2.81 1.58 -4.93
CA LEU C 9 2.09 2.40 -3.97
C LEU C 9 2.09 1.74 -2.59
N SER C 10 1.93 0.42 -2.57
CA SER C 10 1.97 -0.33 -1.32
C SER C 10 3.37 -0.24 -0.70
N SER C 11 4.39 -0.38 -1.55
CA SER C 11 5.78 -0.28 -1.10
C SER C 11 6.06 1.12 -0.58
N TYR C 12 5.53 2.13 -1.27
CA TYR C 12 5.71 3.52 -0.86
C TYR C 12 5.09 3.78 0.50
N ILE C 13 3.82 3.40 0.66
CA ILE C 13 3.10 3.60 1.91
C ILE C 13 3.79 2.89 3.06
N SER C 14 4.33 1.70 2.79
CA SER C 14 4.92 0.87 3.83
C SER C 14 6.33 1.31 4.22
N LEU C 15 7.04 1.98 3.32
CA LEU C 15 8.47 2.22 3.53
C LEU C 15 8.89 3.69 3.53
N ALA C 16 8.08 4.58 2.97
CA ALA C 16 8.46 5.99 2.89
C ALA C 16 8.26 6.73 4.20
N GLU C 17 8.53 8.03 4.18
CA GLU C 17 8.32 8.88 5.36
C GLU C 17 6.87 9.36 5.42
N ASP C 18 6.25 9.47 4.24
CA ASP C 18 4.81 9.70 4.12
C ASP C 18 4.39 11.10 4.59
N PRO C 19 3.18 11.57 4.21
CA PRO C 19 2.13 10.96 3.39
C PRO C 19 2.48 10.80 1.91
N LEU D 1 4.29 11.44 10.63
CA LEU D 1 4.56 10.04 10.94
C LEU D 1 3.35 9.17 10.64
N SER D 2 3.60 7.98 10.09
CA SER D 2 2.54 7.01 9.86
C SER D 2 2.75 5.80 10.78
N GLU D 3 1.84 4.83 10.73
CA GLU D 3 1.87 3.73 11.69
C GLU D 3 1.06 2.51 11.22
N GLY D 4 0.11 2.07 12.04
CA GLY D 4 -0.78 0.99 11.68
C GLY D 4 -1.75 1.36 10.56
N LEU D 5 -1.74 2.64 10.18
CA LEU D 5 -2.50 3.11 9.03
C LEU D 5 -1.88 2.56 7.74
N ARG D 6 -0.57 2.35 7.78
CA ARG D 6 0.18 1.85 6.63
C ARG D 6 -0.37 0.51 6.15
N GLU D 7 -0.61 -0.40 7.09
CA GLU D 7 -1.09 -1.73 6.78
C GLU D 7 -2.47 -1.70 6.14
N SER D 8 -3.37 -0.94 6.74
CA SER D 8 -4.74 -0.83 6.23
C SER D 8 -4.77 -0.12 4.88
N LEU D 9 -3.86 0.84 4.70
CA LEU D 9 -3.77 1.59 3.45
C LEU D 9 -3.22 0.72 2.32
N SER D 10 -2.13 0.01 2.61
CA SER D 10 -1.50 -0.85 1.62
C SER D 10 -2.42 -2.00 1.23
N SER D 11 -3.11 -2.56 2.21
CA SER D 11 -4.04 -3.66 1.96
C SER D 11 -5.25 -3.17 1.18
N TYR D 12 -5.61 -1.90 1.39
CA TYR D 12 -6.71 -1.30 0.64
C TYR D 12 -6.34 -1.13 -0.82
N ILE D 13 -5.11 -0.69 -1.08
CA ILE D 13 -4.62 -0.52 -2.44
C ILE D 13 -4.53 -1.86 -3.14
N SER D 14 -4.16 -2.90 -2.40
CA SER D 14 -3.95 -4.22 -2.98
C SER D 14 -5.25 -4.99 -3.23
N LEU D 15 -6.28 -4.71 -2.42
CA LEU D 15 -7.50 -5.52 -2.46
C LEU D 15 -8.78 -4.70 -2.57
N ALA D 16 -8.84 -3.78 -3.53
CA ALA D 16 -10.05 -3.00 -3.76
C ALA D 16 -10.21 -2.61 -5.23
N GLU D 17 -11.37 -2.06 -5.56
CA GLU D 17 -11.66 -1.62 -6.92
C GLU D 17 -10.77 -0.45 -7.31
N ASP D 18 -10.47 0.40 -6.33
CA ASP D 18 -9.53 1.52 -6.47
C ASP D 18 -10.03 2.63 -7.40
N PRO D 19 -9.57 3.87 -7.18
CA PRO D 19 -8.70 4.32 -6.09
C PRO D 19 -9.44 4.48 -4.77
#